data_3DMD
#
_entry.id   3DMD
#
_cell.length_a   149.956
_cell.length_b   102.368
_cell.length_c   101.766
_cell.angle_alpha   90.00
_cell.angle_beta   119.81
_cell.angle_gamma   90.00
#
_symmetry.space_group_name_H-M   'C 1 2 1'
#
loop_
_entity.id
_entity.type
_entity.pdbx_description
1 polymer 'Signal recognition particle receptor'
2 non-polymer 'SULFATE ION'
3 non-polymer GLYCEROL
4 water water
#
_entity_poly.entity_id   1
_entity_poly.type   'polypeptide(L)'
_entity_poly.pdbx_seq_one_letter_code
;GSHMASMFGKLREKLKSFVKRVEEEVEKEEEEVEKKGLLDRILTVEIKEKDVDKALDELEIDLLEADVALEVVDALREKI
KQKLVGKKVRIGTDKGKIIEEAVKEAVSEILETSRRIDLIEEIRKAEKPYVIMFVGFNGSGKTTTIAKLANWLKNHGFSV
VIAASDTFRAGAIEQLEEHAKRIGVKVIKHSYGADPAAVAYDAIQHAKARGIDVVLIDTAGRSETNRNLMDEMKKIARVT
KPNLVIFVGDALAGNAIVEQARQFNEAVKIDGIILTKLDADARGGAALSISYVIDAPILFVGVGQGYDDLRPFEKEWFLE
RIFGEENA
;
_entity_poly.pdbx_strand_id   B,A,C
#
loop_
_chem_comp.id
_chem_comp.type
_chem_comp.name
_chem_comp.formula
GOL non-polymer GLYCEROL 'C3 H8 O3'
SO4 non-polymer 'SULFATE ION' 'O4 S -2'
#
# COMPACT_ATOMS: atom_id res chain seq x y z
N ALA A 5 7.01 -26.98 22.91
CA ALA A 5 6.67 -26.02 21.87
C ALA A 5 5.18 -25.68 21.82
N SER A 6 4.53 -25.69 22.98
CA SER A 6 3.21 -25.06 23.10
C SER A 6 3.47 -23.56 23.19
N MET A 7 4.61 -23.17 22.66
CA MET A 7 5.10 -21.80 22.70
C MET A 7 4.18 -20.86 21.93
N PHE A 8 3.83 -19.73 22.55
CA PHE A 8 2.91 -18.74 21.96
C PHE A 8 1.60 -19.36 21.53
N GLY A 9 1.27 -20.50 22.13
CA GLY A 9 0.10 -21.26 21.76
C GLY A 9 -1.17 -20.43 21.76
N LYS A 10 -1.37 -19.64 22.81
CA LYS A 10 -2.62 -18.90 22.88
C LYS A 10 -2.75 -17.78 21.83
N LEU A 11 -1.63 -17.12 21.52
CA LEU A 11 -1.63 -16.08 20.51
C LEU A 11 -1.91 -16.70 19.15
N ARG A 12 -1.21 -17.80 18.87
CA ARG A 12 -1.34 -18.51 17.62
C ARG A 12 -2.79 -18.94 17.40
N GLU A 13 -3.40 -19.47 18.45
CA GLU A 13 -4.77 -19.94 18.38
C GLU A 13 -5.75 -18.82 18.03
N LYS A 14 -5.52 -17.63 18.57
CA LYS A 14 -6.44 -16.52 18.29
C LYS A 14 -6.26 -15.95 16.89
N LEU A 15 -5.01 -15.90 16.42
CA LEU A 15 -4.75 -15.46 15.06
C LEU A 15 -5.29 -16.49 14.06
N LYS A 16 -5.12 -17.76 14.37
CA LYS A 16 -5.64 -18.83 13.53
C LYS A 16 -7.15 -18.69 13.42
N SER A 17 -7.81 -18.49 14.55
CA SER A 17 -9.26 -18.36 14.59
C SER A 17 -9.78 -17.17 13.77
N PHE A 18 -9.05 -16.07 13.79
CA PHE A 18 -9.38 -14.91 12.95
C PHE A 18 -9.31 -15.26 11.46
N VAL A 19 -8.20 -15.86 11.04
CA VAL A 19 -8.03 -16.24 9.65
C VAL A 19 -9.20 -17.11 9.16
N LYS A 20 -9.53 -18.17 9.92
CA LYS A 20 -10.66 -19.03 9.59
C LYS A 20 -11.99 -18.29 9.43
N ARG A 21 -12.31 -17.41 10.38
CA ARG A 21 -13.54 -16.63 10.30
C ARG A 21 -13.64 -15.84 8.99
N VAL A 22 -12.58 -15.14 8.62
CA VAL A 22 -12.58 -14.33 7.40
C VAL A 22 -12.66 -15.25 6.18
N GLU A 23 -11.90 -16.34 6.24
CA GLU A 23 -11.83 -17.31 5.16
C GLU A 23 -13.21 -17.83 4.82
N GLU A 24 -13.99 -18.12 5.85
CA GLU A 24 -15.38 -18.57 5.70
C GLU A 24 -16.32 -17.48 5.13
N GLU A 25 -16.08 -16.23 5.47
CA GLU A 25 -16.83 -15.14 4.86
C GLU A 25 -16.47 -14.98 3.39
N VAL A 26 -15.17 -15.04 3.08
CA VAL A 26 -14.77 -14.97 1.69
C VAL A 26 -15.39 -16.14 0.91
N GLU A 27 -15.43 -17.32 1.52
CA GLU A 27 -15.99 -18.51 0.87
C GLU A 27 -17.47 -18.35 0.55
N LYS A 28 -18.22 -17.69 1.43
CA LYS A 28 -19.62 -17.41 1.16
C LYS A 28 -19.74 -16.45 -0.03
N GLU A 29 -18.80 -15.51 -0.10
CA GLU A 29 -18.79 -14.51 -1.16
C GLU A 29 -18.59 -15.18 -2.51
N GLU A 30 -17.72 -16.19 -2.53
CA GLU A 30 -17.44 -16.91 -3.76
C GLU A 30 -18.67 -17.71 -4.17
N GLU A 31 -19.33 -18.33 -3.21
CA GLU A 31 -20.49 -19.15 -3.51
C GLU A 31 -21.65 -18.30 -3.97
N GLU A 32 -21.75 -17.09 -3.42
CA GLU A 32 -22.74 -16.16 -3.90
C GLU A 32 -22.50 -15.88 -5.39
N VAL A 33 -21.25 -15.60 -5.77
CA VAL A 33 -20.97 -15.32 -7.17
C VAL A 33 -21.33 -16.52 -8.03
N GLU A 34 -20.91 -17.71 -7.58
CA GLU A 34 -21.19 -18.95 -8.28
C GLU A 34 -22.68 -19.19 -8.40
N LYS A 35 -23.41 -18.89 -7.33
CA LYS A 35 -24.84 -19.18 -7.28
C LYS A 35 -25.64 -18.27 -8.20
N LYS A 36 -25.29 -16.99 -8.19
CA LYS A 36 -26.01 -16.01 -8.98
C LYS A 36 -25.71 -16.12 -10.47
N GLY A 37 -24.85 -17.07 -10.85
CA GLY A 37 -24.49 -17.24 -12.24
C GLY A 37 -23.68 -16.09 -12.84
N LEU A 38 -22.79 -15.51 -12.04
CA LEU A 38 -21.97 -14.39 -12.47
C LEU A 38 -20.62 -14.84 -13.05
N LEU A 39 -20.40 -16.14 -13.10
CA LEU A 39 -19.12 -16.67 -13.57
C LEU A 39 -18.83 -16.36 -15.05
N ASP A 40 -19.83 -15.94 -15.80
CA ASP A 40 -19.58 -15.56 -17.18
C ASP A 40 -18.97 -14.15 -17.27
N ARG A 41 -18.97 -13.44 -16.14
CA ARG A 41 -18.44 -12.08 -16.11
C ARG A 41 -17.34 -11.84 -15.07
N ILE A 42 -17.34 -12.60 -13.99
CA ILE A 42 -16.35 -12.40 -12.92
C ILE A 42 -15.81 -13.71 -12.34
N LEU A 43 -14.50 -13.75 -12.12
CA LEU A 43 -13.86 -14.94 -11.56
C LEU A 43 -13.14 -14.63 -10.24
N THR A 44 -13.33 -13.41 -9.74
CA THR A 44 -12.70 -12.99 -8.49
C THR A 44 -13.71 -12.35 -7.56
N VAL A 45 -13.46 -12.43 -6.26
CA VAL A 45 -14.20 -11.60 -5.30
C VAL A 45 -13.28 -10.56 -4.67
N GLU A 46 -13.88 -9.46 -4.24
CA GLU A 46 -13.15 -8.39 -3.58
C GLU A 46 -13.57 -8.41 -2.12
N ILE A 47 -12.62 -8.62 -1.22
CA ILE A 47 -12.94 -8.69 0.20
C ILE A 47 -13.56 -7.38 0.65
N LYS A 48 -14.73 -7.47 1.28
CA LYS A 48 -15.46 -6.30 1.73
C LYS A 48 -15.33 -6.09 3.24
N GLU A 49 -15.69 -4.90 3.71
CA GLU A 49 -15.65 -4.60 5.13
C GLU A 49 -16.54 -5.56 5.92
N LYS A 50 -17.70 -5.90 5.37
CA LYS A 50 -18.60 -6.83 6.04
C LYS A 50 -18.03 -8.24 6.17
N ASP A 51 -16.97 -8.54 5.41
CA ASP A 51 -16.31 -9.84 5.50
C ASP A 51 -15.33 -9.91 6.65
N VAL A 52 -14.89 -8.75 7.12
CA VAL A 52 -13.83 -8.69 8.12
C VAL A 52 -14.26 -8.12 9.47
N ASP A 53 -15.30 -7.28 9.48
CA ASP A 53 -15.55 -6.44 10.65
C ASP A 53 -15.85 -7.20 11.94
N LYS A 54 -16.80 -8.14 11.89
CA LYS A 54 -17.09 -8.96 13.05
C LYS A 54 -15.85 -9.75 13.47
N ALA A 55 -15.13 -10.28 12.50
CA ALA A 55 -13.94 -11.06 12.76
C ALA A 55 -12.87 -10.19 13.43
N LEU A 56 -12.83 -8.92 13.03
CA LEU A 56 -11.90 -7.96 13.62
C LEU A 56 -12.33 -7.58 15.05
N ASP A 57 -13.63 -7.56 15.29
CA ASP A 57 -14.16 -7.22 16.60
C ASP A 57 -13.85 -8.33 17.59
N GLU A 58 -13.91 -9.56 17.12
CA GLU A 58 -13.62 -10.71 17.97
C GLU A 58 -12.10 -10.89 18.16
N LEU A 59 -11.31 -10.41 17.21
CA LEU A 59 -9.86 -10.48 17.33
C LEU A 59 -9.43 -9.51 18.43
N GLU A 60 -10.06 -8.34 18.47
CA GLU A 60 -9.78 -7.38 19.51
C GLU A 60 -10.04 -8.02 20.88
N ILE A 61 -11.17 -8.70 21.02
CA ILE A 61 -11.50 -9.37 22.26
C ILE A 61 -10.46 -10.44 22.60
N ASP A 62 -10.23 -11.34 21.66
CA ASP A 62 -9.29 -12.43 21.86
C ASP A 62 -7.87 -11.97 22.20
N LEU A 63 -7.41 -10.90 21.55
CA LEU A 63 -6.02 -10.47 21.71
C LEU A 63 -5.84 -9.79 23.07
N LEU A 64 -6.84 -8.99 23.49
CA LEU A 64 -6.85 -8.39 24.84
C LEU A 64 -6.81 -9.47 25.94
N GLU A 65 -7.48 -10.59 25.71
CA GLU A 65 -7.48 -11.70 26.65
C GLU A 65 -6.16 -12.45 26.61
N ALA A 66 -5.44 -12.32 25.50
CA ALA A 66 -4.15 -12.97 25.34
C ALA A 66 -2.99 -12.06 25.78
N ASP A 67 -3.32 -10.97 26.48
CA ASP A 67 -2.31 -10.07 27.05
C ASP A 67 -1.66 -9.16 26.03
N VAL A 68 -2.30 -8.97 24.88
CA VAL A 68 -1.78 -8.01 23.92
C VAL A 68 -2.16 -6.59 24.36
N ALA A 69 -1.17 -5.71 24.51
CA ALA A 69 -1.43 -4.31 24.87
C ALA A 69 -2.46 -3.66 23.93
N LEU A 70 -3.35 -2.83 24.50
CA LEU A 70 -4.41 -2.19 23.72
C LEU A 70 -3.86 -1.48 22.48
N GLU A 71 -2.79 -0.75 22.69
CA GLU A 71 -2.14 0.00 21.62
C GLU A 71 -1.79 -0.94 20.47
N VAL A 72 -1.33 -2.14 20.80
CA VAL A 72 -0.90 -3.06 19.77
C VAL A 72 -2.12 -3.70 19.09
N VAL A 73 -3.16 -3.92 19.86
CA VAL A 73 -4.42 -4.44 19.32
C VAL A 73 -4.97 -3.50 18.28
N ASP A 74 -4.95 -2.20 18.57
CA ASP A 74 -5.43 -1.19 17.63
C ASP A 74 -4.58 -1.09 16.37
N ALA A 75 -3.27 -1.06 16.53
CA ALA A 75 -2.36 -1.06 15.38
C ALA A 75 -2.54 -2.30 14.49
N LEU A 76 -2.64 -3.47 15.12
CA LEU A 76 -2.85 -4.72 14.37
C LEU A 76 -4.17 -4.70 13.60
N ARG A 77 -5.27 -4.38 14.28
CA ARG A 77 -6.56 -4.24 13.62
C ARG A 77 -6.48 -3.40 12.35
N GLU A 78 -5.94 -2.19 12.48
CA GLU A 78 -6.02 -1.27 11.35
C GLU A 78 -5.11 -1.73 10.22
N LYS A 79 -3.94 -2.26 10.56
CA LYS A 79 -3.08 -2.79 9.51
C LYS A 79 -3.78 -3.89 8.72
N ILE A 80 -4.37 -4.84 9.45
CA ILE A 80 -5.05 -5.95 8.82
C ILE A 80 -6.23 -5.45 7.96
N LYS A 81 -7.11 -4.66 8.56
CA LYS A 81 -8.23 -4.08 7.83
C LYS A 81 -7.79 -3.43 6.54
N GLN A 82 -6.73 -2.64 6.62
CA GLN A 82 -6.21 -1.92 5.47
C GLN A 82 -5.65 -2.86 4.40
N LYS A 83 -5.01 -3.94 4.83
CA LYS A 83 -4.43 -4.92 3.89
C LYS A 83 -5.50 -5.79 3.20
N LEU A 84 -6.61 -6.04 3.89
CA LEU A 84 -7.59 -6.99 3.40
C LEU A 84 -8.69 -6.34 2.59
N VAL A 85 -9.30 -5.28 3.12
CA VAL A 85 -10.43 -4.65 2.44
C VAL A 85 -10.07 -4.18 1.02
N GLY A 86 -10.85 -4.61 0.03
CA GLY A 86 -10.55 -4.31 -1.36
C GLY A 86 -9.56 -5.26 -2.02
N LYS A 87 -9.04 -6.21 -1.24
CA LYS A 87 -8.14 -7.22 -1.78
C LYS A 87 -8.88 -8.20 -2.72
N LYS A 88 -8.33 -8.41 -3.91
CA LYS A 88 -8.96 -9.30 -4.89
C LYS A 88 -8.51 -10.76 -4.78
N VAL A 89 -9.46 -11.66 -4.61
CA VAL A 89 -9.12 -13.07 -4.59
C VAL A 89 -9.83 -13.79 -5.74
N ARG A 90 -9.05 -14.51 -6.54
CA ARG A 90 -9.62 -15.32 -7.61
C ARG A 90 -10.26 -16.55 -7.00
N ILE A 91 -11.45 -16.91 -7.46
CA ILE A 91 -12.10 -18.15 -6.98
C ILE A 91 -11.17 -19.33 -7.28
N GLY A 92 -11.01 -20.23 -6.32
CA GLY A 92 -10.15 -21.38 -6.53
C GLY A 92 -8.69 -21.18 -6.14
N THR A 93 -8.36 -19.99 -5.65
CA THR A 93 -7.06 -19.79 -5.01
C THR A 93 -7.19 -20.10 -3.51
N ASP A 94 -6.05 -20.24 -2.85
CA ASP A 94 -6.01 -20.53 -1.42
C ASP A 94 -6.25 -19.24 -0.64
N LYS A 95 -7.47 -19.01 -0.21
CA LYS A 95 -7.81 -17.74 0.43
C LYS A 95 -7.18 -17.67 1.82
N GLY A 96 -7.07 -18.84 2.47
CA GLY A 96 -6.40 -18.94 3.75
C GLY A 96 -5.01 -18.35 3.73
N LYS A 97 -4.24 -18.65 2.69
CA LYS A 97 -2.86 -18.17 2.64
C LYS A 97 -2.81 -16.66 2.40
N ILE A 98 -3.73 -16.16 1.59
CA ILE A 98 -3.83 -14.73 1.32
C ILE A 98 -4.18 -13.96 2.60
N ILE A 99 -5.13 -14.49 3.36
CA ILE A 99 -5.54 -13.85 4.60
C ILE A 99 -4.46 -13.94 5.67
N GLU A 100 -3.80 -15.09 5.75
CA GLU A 100 -2.77 -15.31 6.75
C GLU A 100 -1.57 -14.42 6.46
N GLU A 101 -1.32 -14.16 5.17
CA GLU A 101 -0.19 -13.32 4.75
C GLU A 101 -0.36 -11.88 5.24
N ALA A 102 -1.59 -11.39 5.21
CA ALA A 102 -1.87 -10.05 5.69
C ALA A 102 -1.63 -9.95 7.20
N VAL A 103 -2.05 -10.98 7.92
CA VAL A 103 -1.89 -11.03 9.37
C VAL A 103 -0.41 -11.10 9.73
N LYS A 104 0.30 -11.99 9.05
CA LYS A 104 1.72 -12.13 9.23
C LYS A 104 2.47 -10.83 8.95
N GLU A 105 2.07 -10.09 7.92
CA GLU A 105 2.73 -8.81 7.63
C GLU A 105 2.48 -7.84 8.76
N ALA A 106 1.23 -7.75 9.18
CA ALA A 106 0.86 -6.83 10.24
C ALA A 106 1.66 -7.13 11.49
N VAL A 107 1.73 -8.41 11.86
CA VAL A 107 2.50 -8.82 13.05
C VAL A 107 3.97 -8.44 12.92
N SER A 108 4.53 -8.69 11.74
CA SER A 108 5.91 -8.36 11.47
C SER A 108 6.14 -6.85 11.57
N GLU A 109 5.22 -6.06 11.07
CA GLU A 109 5.35 -4.61 11.16
C GLU A 109 5.32 -4.12 12.60
N ILE A 110 4.51 -4.80 13.42
CA ILE A 110 4.41 -4.52 14.85
C ILE A 110 5.77 -4.69 15.54
N LEU A 111 6.59 -5.59 15.04
CA LEU A 111 7.89 -5.87 15.64
C LEU A 111 8.99 -4.86 15.25
N GLU A 112 8.65 -3.85 14.43
CA GLU A 112 9.62 -2.81 14.05
C GLU A 112 9.73 -1.64 15.04
N THR A 113 10.96 -1.40 15.51
CA THR A 113 11.27 -0.27 16.39
C THR A 113 12.19 0.67 15.63
N SER A 114 12.07 1.97 15.92
CA SER A 114 12.82 3.00 15.21
C SER A 114 14.34 2.88 15.37
N ARG A 115 14.79 1.75 15.90
CA ARG A 115 16.21 1.50 16.11
C ARG A 115 16.48 0.02 16.28
N ARG A 116 17.24 -0.58 15.39
CA ARG A 116 17.86 -1.86 15.71
C ARG A 116 19.21 -1.54 16.31
N ILE A 117 19.71 -2.43 17.15
CA ILE A 117 20.95 -2.18 17.87
C ILE A 117 21.94 -3.31 17.67
N ASP A 118 23.07 -3.00 17.05
CA ASP A 118 24.15 -3.95 16.90
C ASP A 118 25.13 -3.76 18.06
N LEU A 119 24.97 -4.59 19.08
CA LEU A 119 25.70 -4.46 20.33
C LEU A 119 27.21 -4.44 20.13
N ILE A 120 27.74 -5.41 19.40
CA ILE A 120 29.17 -5.47 19.17
C ILE A 120 29.65 -4.22 18.42
N GLU A 121 28.94 -3.87 17.35
CA GLU A 121 29.25 -2.65 16.63
C GLU A 121 29.23 -1.41 17.55
N GLU A 122 28.26 -1.34 18.46
CA GLU A 122 28.14 -0.18 19.35
C GLU A 122 29.30 -0.11 20.32
N ILE A 123 29.71 -1.25 20.83
CA ILE A 123 30.81 -1.27 21.80
C ILE A 123 32.15 -0.95 21.11
N ARG A 124 32.39 -1.52 19.95
CA ARG A 124 33.65 -1.30 19.25
C ARG A 124 33.91 0.17 18.93
N LYS A 125 32.87 0.87 18.48
CA LYS A 125 33.04 2.27 18.10
C LYS A 125 33.10 3.23 19.29
N ALA A 126 32.74 2.75 20.47
CA ALA A 126 32.64 3.63 21.63
C ALA A 126 33.93 3.78 22.41
N GLU A 127 34.13 4.98 22.95
CA GLU A 127 35.18 5.21 23.94
C GLU A 127 34.95 4.30 25.14
N LYS A 128 35.91 3.44 25.44
CA LYS A 128 35.78 2.49 26.54
C LYS A 128 35.90 3.19 27.89
N PRO A 129 35.20 2.68 28.92
CA PRO A 129 34.35 1.48 28.88
C PRO A 129 32.95 1.79 28.35
N TYR A 130 32.36 0.81 27.70
CA TYR A 130 30.96 0.88 27.30
C TYR A 130 30.13 0.41 28.48
N VAL A 131 29.27 1.31 28.98
CA VAL A 131 28.55 1.07 30.23
C VAL A 131 27.08 0.68 30.00
N ILE A 132 26.69 -0.50 30.49
CA ILE A 132 25.31 -0.96 30.34
C ILE A 132 24.62 -1.08 31.68
N MET A 133 23.48 -0.39 31.80
CA MET A 133 22.71 -0.41 33.02
C MET A 133 21.49 -1.30 32.83
N PHE A 134 21.24 -2.17 33.80
CA PHE A 134 20.07 -3.05 33.73
C PHE A 134 18.98 -2.58 34.65
N VAL A 135 17.75 -2.66 34.17
CA VAL A 135 16.61 -2.32 35.02
C VAL A 135 15.59 -3.44 34.94
N GLY A 136 14.79 -3.57 35.99
CA GLY A 136 13.79 -4.63 36.05
C GLY A 136 13.50 -5.02 37.48
N PHE A 137 12.34 -5.63 37.67
CA PHE A 137 11.91 -6.05 39.01
C PHE A 137 12.48 -7.41 39.36
N ASN A 138 12.62 -7.70 40.65
CA ASN A 138 13.12 -9.00 41.05
C ASN A 138 12.24 -10.09 40.47
N GLY A 139 12.84 -11.24 40.15
CA GLY A 139 12.11 -12.34 39.55
C GLY A 139 12.16 -12.33 38.03
N SER A 140 12.70 -11.26 37.46
CA SER A 140 12.79 -11.08 36.03
C SER A 140 13.94 -11.89 35.43
N GLY A 141 14.83 -12.39 36.29
CA GLY A 141 16.03 -13.07 35.83
C GLY A 141 17.21 -12.16 35.52
N LYS A 142 17.15 -10.92 35.98
CA LYS A 142 18.23 -9.95 35.77
C LYS A 142 19.65 -10.47 36.07
N THR A 143 19.82 -11.04 37.25
CA THR A 143 21.15 -11.39 37.73
C THR A 143 21.81 -12.46 36.86
N THR A 144 21.07 -13.51 36.55
CA THR A 144 21.58 -14.59 35.72
C THR A 144 21.86 -14.07 34.32
N THR A 145 20.95 -13.23 33.84
CA THR A 145 21.07 -12.65 32.51
C THR A 145 22.39 -11.88 32.39
N ILE A 146 22.74 -11.14 33.43
CA ILE A 146 23.95 -10.32 33.38
C ILE A 146 25.20 -11.20 33.26
N ALA A 147 25.26 -12.26 34.06
CA ALA A 147 26.32 -13.27 33.89
C ALA A 147 26.35 -13.82 32.46
N LYS A 148 25.20 -14.23 31.96
CA LYS A 148 25.14 -14.80 30.61
C LYS A 148 25.58 -13.80 29.55
N LEU A 149 25.17 -12.54 29.70
CA LEU A 149 25.57 -11.54 28.72
C LEU A 149 27.08 -11.29 28.82
N ALA A 150 27.59 -11.29 30.04
CA ALA A 150 29.02 -11.17 30.27
C ALA A 150 29.77 -12.29 29.52
N ASN A 151 29.30 -13.52 29.68
CA ASN A 151 29.86 -14.65 28.96
C ASN A 151 29.86 -14.41 27.44
N TRP A 152 28.69 -14.03 26.91
CA TRP A 152 28.54 -13.76 25.49
C TRP A 152 29.50 -12.67 25.04
N LEU A 153 29.55 -11.57 25.80
CA LEU A 153 30.48 -10.50 25.49
C LEU A 153 31.92 -11.00 25.49
N LYS A 154 32.28 -11.80 26.48
CA LYS A 154 33.65 -12.27 26.57
C LYS A 154 33.99 -13.18 25.38
N ASN A 155 33.07 -14.09 25.07
CA ASN A 155 33.23 -14.98 23.94
C ASN A 155 33.35 -14.23 22.62
N HIS A 156 32.99 -12.95 22.61
CA HIS A 156 33.09 -12.16 21.38
C HIS A 156 34.27 -11.19 21.38
N GLY A 157 35.18 -11.35 22.34
CA GLY A 157 36.42 -10.60 22.34
C GLY A 157 36.47 -9.41 23.27
N PHE A 158 35.46 -9.23 24.11
CA PHE A 158 35.42 -8.07 25.00
C PHE A 158 35.70 -8.45 26.46
N SER A 159 36.46 -7.60 27.15
CA SER A 159 36.68 -7.77 28.57
C SER A 159 35.53 -7.10 29.32
N VAL A 160 35.17 -7.63 30.48
CA VAL A 160 33.95 -7.24 31.16
C VAL A 160 34.13 -7.21 32.65
N VAL A 161 33.63 -6.16 33.31
CA VAL A 161 33.50 -6.17 34.76
C VAL A 161 32.04 -5.92 35.15
N ILE A 162 31.61 -6.53 36.26
CA ILE A 162 30.23 -6.39 36.73
C ILE A 162 30.18 -5.59 38.02
N ALA A 163 29.31 -4.58 38.08
CA ALA A 163 29.01 -3.89 39.33
C ALA A 163 27.82 -4.50 40.05
N ALA A 164 28.04 -4.90 41.31
CA ALA A 164 26.96 -5.44 42.13
C ALA A 164 26.22 -4.30 42.81
N SER A 165 25.33 -3.64 42.08
CA SER A 165 24.61 -2.51 42.65
C SER A 165 23.28 -2.94 43.23
N ASP A 166 23.04 -4.25 43.27
CA ASP A 166 21.88 -4.80 43.97
C ASP A 166 22.33 -5.04 45.41
N THR A 167 22.53 -3.96 46.14
CA THR A 167 23.31 -3.97 47.37
C THR A 167 22.64 -4.62 48.58
N PHE A 168 21.34 -4.81 48.54
CA PHE A 168 20.61 -5.38 49.69
C PHE A 168 20.26 -6.86 49.56
N ARG A 169 20.65 -7.49 48.45
CA ARG A 169 20.36 -8.89 48.25
C ARG A 169 21.66 -9.69 48.28
N ALA A 170 22.06 -10.09 49.48
CA ALA A 170 23.31 -10.79 49.66
C ALA A 170 23.30 -12.13 48.93
N GLY A 171 22.13 -12.76 48.90
CA GLY A 171 21.95 -13.98 48.13
C GLY A 171 22.24 -13.78 46.65
N ALA A 172 21.62 -12.75 46.06
CA ALA A 172 21.77 -12.51 44.62
C ALA A 172 23.21 -12.19 44.30
N ILE A 173 23.86 -11.44 45.18
CA ILE A 173 25.26 -11.09 44.98
C ILE A 173 26.16 -12.33 45.00
N GLU A 174 25.94 -13.20 45.98
CA GLU A 174 26.69 -14.45 46.06
C GLU A 174 26.54 -15.27 44.80
N GLN A 175 25.31 -15.40 44.33
CA GLN A 175 25.04 -16.09 43.07
C GLN A 175 25.84 -15.44 41.94
N LEU A 176 25.69 -14.12 41.80
CA LEU A 176 26.42 -13.35 40.81
C LEU A 176 27.92 -13.67 40.81
N GLU A 177 28.52 -13.74 41.99
CA GLU A 177 29.96 -14.00 42.06
C GLU A 177 30.33 -15.43 41.67
N GLU A 178 29.50 -16.40 42.04
CA GLU A 178 29.76 -17.78 41.65
C GLU A 178 29.83 -17.89 40.13
N HIS A 179 28.83 -17.34 39.45
CA HIS A 179 28.78 -17.38 37.99
C HIS A 179 29.95 -16.63 37.37
N ALA A 180 30.26 -15.45 37.91
CA ALA A 180 31.36 -14.64 37.37
C ALA A 180 32.71 -15.31 37.59
N LYS A 181 32.82 -16.04 38.69
CA LYS A 181 34.00 -16.85 38.98
C LYS A 181 34.18 -17.84 37.83
N ARG A 182 33.10 -18.54 37.54
CA ARG A 182 33.08 -19.60 36.53
C ARG A 182 33.43 -19.12 35.12
N ILE A 183 33.22 -17.84 34.80
CA ILE A 183 33.48 -17.33 33.46
C ILE A 183 34.63 -16.33 33.39
N GLY A 184 35.27 -16.10 34.54
CA GLY A 184 36.46 -15.28 34.57
C GLY A 184 36.21 -13.78 34.41
N VAL A 185 35.12 -13.29 34.97
CA VAL A 185 34.94 -11.85 35.00
C VAL A 185 34.80 -11.33 36.43
N LYS A 186 35.35 -10.15 36.65
CA LYS A 186 35.41 -9.58 37.98
C LYS A 186 34.07 -8.97 38.39
N VAL A 187 33.74 -9.11 39.67
CA VAL A 187 32.61 -8.42 40.26
C VAL A 187 33.09 -7.40 41.30
N ILE A 188 32.69 -6.14 41.11
CA ILE A 188 33.00 -5.08 42.06
C ILE A 188 31.83 -4.96 43.01
N LYS A 189 32.11 -4.98 44.30
CA LYS A 189 31.06 -4.87 45.29
C LYS A 189 31.57 -4.17 46.53
N HIS A 190 30.66 -3.59 47.29
CA HIS A 190 31.02 -2.98 48.57
C HIS A 190 30.36 -3.72 49.71
N SER A 191 30.16 -3.03 50.83
CA SER A 191 29.51 -3.61 51.99
C SER A 191 28.02 -3.81 51.76
N TYR A 192 27.41 -4.64 52.59
CA TYR A 192 25.98 -4.86 52.51
C TYR A 192 25.25 -3.54 52.60
N GLY A 193 24.20 -3.37 51.81
CA GLY A 193 23.38 -2.18 51.88
C GLY A 193 24.06 -0.93 51.39
N ALA A 194 25.19 -1.09 50.70
CA ALA A 194 25.95 0.04 50.16
C ALA A 194 25.15 0.86 49.14
N ASP A 195 25.63 2.08 48.90
CA ASP A 195 25.02 2.97 47.90
C ASP A 195 25.25 2.41 46.50
N PRO A 196 24.14 2.08 45.79
CA PRO A 196 24.22 1.43 44.46
C PRO A 196 25.02 2.23 43.42
N ALA A 197 24.81 3.55 43.38
CA ALA A 197 25.55 4.38 42.44
C ALA A 197 27.05 4.43 42.73
N ALA A 198 27.45 4.51 44.00
CA ALA A 198 28.87 4.50 44.36
C ALA A 198 29.51 3.20 43.88
N VAL A 199 28.81 2.09 44.07
CA VAL A 199 29.35 0.81 43.65
C VAL A 199 29.59 0.84 42.15
N ALA A 200 28.62 1.34 41.39
CA ALA A 200 28.71 1.30 39.93
C ALA A 200 29.78 2.26 39.43
N TYR A 201 29.83 3.44 40.03
CA TYR A 201 30.83 4.45 39.68
C TYR A 201 32.22 3.89 40.00
N ASP A 202 32.30 3.10 41.06
CA ASP A 202 33.56 2.44 41.40
C ASP A 202 33.97 1.45 40.31
N ALA A 203 33.01 0.68 39.80
CA ALA A 203 33.30 -0.31 38.77
C ALA A 203 33.75 0.37 37.49
N ILE A 204 33.20 1.54 37.24
CA ILE A 204 33.63 2.34 36.09
C ILE A 204 35.08 2.84 36.24
N GLN A 205 35.43 3.33 37.42
CA GLN A 205 36.80 3.77 37.67
C GLN A 205 37.75 2.59 37.50
N HIS A 206 37.40 1.46 38.10
CA HIS A 206 38.16 0.23 37.90
C HIS A 206 38.33 -0.07 36.42
N ALA A 207 37.25 0.05 35.64
CA ALA A 207 37.33 -0.27 34.21
C ALA A 207 38.27 0.67 33.47
N LYS A 208 38.19 1.97 33.76
CA LYS A 208 39.07 2.94 33.12
C LYS A 208 40.55 2.60 33.37
N ALA A 209 40.88 2.35 34.63
CA ALA A 209 42.27 2.11 35.01
C ALA A 209 42.86 0.80 34.44
N ARG A 210 42.05 -0.25 34.37
CA ARG A 210 42.54 -1.54 33.86
C ARG A 210 42.17 -1.75 32.39
N GLY A 211 41.63 -0.72 31.74
CA GLY A 211 41.21 -0.81 30.36
C GLY A 211 40.23 -1.92 30.02
N ILE A 212 39.18 -2.07 30.83
CA ILE A 212 38.12 -3.02 30.52
C ILE A 212 37.16 -2.41 29.47
N ASP A 213 36.71 -3.25 28.53
CA ASP A 213 35.81 -2.81 27.46
C ASP A 213 34.40 -2.46 27.94
N VAL A 214 33.83 -3.30 28.80
CA VAL A 214 32.42 -3.20 29.15
C VAL A 214 32.16 -3.25 30.66
N VAL A 215 31.33 -2.33 31.15
CA VAL A 215 30.84 -2.39 32.52
C VAL A 215 29.34 -2.74 32.53
N LEU A 216 28.97 -3.80 33.25
CA LEU A 216 27.56 -4.19 33.38
C LEU A 216 27.09 -3.91 34.79
N ILE A 217 25.95 -3.24 34.93
CA ILE A 217 25.47 -2.84 36.25
C ILE A 217 24.26 -3.64 36.69
N ASP A 218 24.44 -4.48 37.70
CA ASP A 218 23.34 -5.24 38.30
C ASP A 218 22.64 -4.30 39.26
N THR A 219 21.32 -4.15 39.10
CA THR A 219 20.58 -3.22 39.94
C THR A 219 19.54 -3.92 40.81
N ALA A 220 18.98 -3.16 41.74
CA ALA A 220 17.95 -3.67 42.62
C ALA A 220 16.65 -3.80 41.84
N GLY A 221 15.80 -4.73 42.28
CA GLY A 221 14.52 -4.97 41.65
C GLY A 221 13.34 -4.78 42.58
N ARG A 222 13.55 -4.02 43.65
CA ARG A 222 12.46 -3.66 44.57
C ARG A 222 12.86 -2.43 45.37
N SER A 223 11.89 -1.69 45.88
CA SER A 223 12.21 -0.54 46.72
C SER A 223 12.65 -1.03 48.09
N GLU A 224 13.69 -0.43 48.65
CA GLU A 224 14.00 -0.66 50.06
C GLU A 224 13.25 0.38 50.91
N THR A 225 13.76 0.69 52.09
CA THR A 225 13.06 1.67 52.92
C THR A 225 13.15 3.10 52.39
N ASN A 226 12.20 3.93 52.82
CA ASN A 226 11.78 5.13 52.10
C ASN A 226 12.68 5.69 51.00
N ARG A 227 12.67 5.01 49.85
CA ARG A 227 12.90 5.64 48.56
C ARG A 227 12.68 4.73 47.35
N ASN A 228 11.76 5.18 46.51
CA ASN A 228 11.37 4.54 45.29
C ASN A 228 12.53 3.90 44.51
N LEU A 229 12.32 2.66 44.09
CA LEU A 229 13.18 1.99 43.14
C LEU A 229 13.42 2.90 41.93
N MET A 230 12.37 3.58 41.48
CA MET A 230 12.51 4.42 40.30
C MET A 230 13.47 5.58 40.57
N ASP A 231 13.39 6.17 41.75
CA ASP A 231 14.30 7.23 42.15
C ASP A 231 15.74 6.72 42.17
N GLU A 232 15.94 5.57 42.80
CA GLU A 232 17.27 4.97 42.84
C GLU A 232 17.80 4.74 41.42
N MET A 233 16.93 4.37 40.49
CA MET A 233 17.39 4.11 39.14
C MET A 233 17.85 5.40 38.48
N LYS A 234 17.08 6.47 38.66
CA LYS A 234 17.46 7.77 38.11
C LYS A 234 18.80 8.23 38.66
N LYS A 235 19.06 7.95 39.93
CA LYS A 235 20.31 8.36 40.59
C LYS A 235 21.49 7.58 40.03
N ILE A 236 21.32 6.26 39.86
CA ILE A 236 22.36 5.46 39.20
C ILE A 236 22.64 5.94 37.77
N ALA A 237 21.59 6.24 37.01
CA ALA A 237 21.78 6.72 35.64
C ALA A 237 22.46 8.10 35.56
N ARG A 238 22.16 9.00 36.50
CA ARG A 238 22.85 10.29 36.57
C ARG A 238 24.34 10.12 36.88
N VAL A 239 24.66 9.24 37.82
CA VAL A 239 26.06 9.01 38.20
C VAL A 239 26.88 8.28 37.15
N THR A 240 26.29 7.27 36.52
CA THR A 240 27.07 6.43 35.62
C THR A 240 26.95 6.80 34.14
N LYS A 241 25.93 7.58 33.78
CA LYS A 241 25.74 7.98 32.37
C LYS A 241 25.89 6.80 31.39
N PRO A 242 24.99 5.82 31.47
CA PRO A 242 25.16 4.59 30.69
C PRO A 242 25.13 4.84 29.18
N ASN A 243 25.90 4.06 28.42
CA ASN A 243 25.75 4.04 26.96
C ASN A 243 24.44 3.39 26.55
N LEU A 244 24.02 2.40 27.33
CA LEU A 244 22.86 1.58 26.99
C LEU A 244 22.06 1.20 28.24
N VAL A 245 20.74 1.32 28.17
CA VAL A 245 19.88 0.84 29.24
C VAL A 245 19.05 -0.34 28.76
N ILE A 246 19.23 -1.48 29.42
CA ILE A 246 18.47 -2.68 29.09
C ILE A 246 17.43 -3.03 30.14
N PHE A 247 16.19 -3.13 29.71
CA PHE A 247 15.12 -3.63 30.56
C PHE A 247 15.05 -5.14 30.49
N VAL A 248 15.05 -5.78 31.65
CA VAL A 248 14.90 -7.24 31.75
C VAL A 248 13.50 -7.62 32.26
N GLY A 249 12.88 -8.59 31.60
CA GLY A 249 11.54 -9.04 31.97
C GLY A 249 11.36 -10.54 31.89
N ASP A 250 10.50 -11.07 32.74
CA ASP A 250 10.19 -12.48 32.79
C ASP A 250 9.02 -12.77 31.84
N ALA A 251 9.31 -13.44 30.73
CA ALA A 251 8.28 -13.67 29.71
C ALA A 251 7.02 -14.33 30.27
N LEU A 252 7.16 -15.04 31.38
CA LEU A 252 6.04 -15.71 32.01
C LEU A 252 5.06 -14.77 32.71
N ALA A 253 5.51 -13.55 33.02
CA ALA A 253 4.63 -12.57 33.69
C ALA A 253 3.79 -11.74 32.70
N GLY A 254 3.08 -12.45 31.81
CA GLY A 254 2.30 -11.80 30.75
C GLY A 254 1.42 -10.67 31.26
N ASN A 255 0.97 -10.77 32.50
CA ASN A 255 0.09 -9.77 33.08
C ASN A 255 0.79 -8.49 33.56
N ALA A 256 2.12 -8.45 33.49
CA ALA A 256 2.85 -7.35 34.14
C ALA A 256 4.01 -6.75 33.34
N ILE A 257 4.63 -7.54 32.47
CA ILE A 257 5.87 -7.13 31.81
C ILE A 257 5.75 -5.82 31.01
N VAL A 258 4.70 -5.66 30.21
CA VAL A 258 4.61 -4.39 29.49
C VAL A 258 4.50 -3.21 30.47
N GLU A 259 3.69 -3.37 31.51
CA GLU A 259 3.52 -2.31 32.50
C GLU A 259 4.81 -2.04 33.29
N GLN A 260 5.54 -3.10 33.62
CA GLN A 260 6.83 -2.97 34.31
C GLN A 260 7.78 -2.11 33.48
N ALA A 261 7.92 -2.46 32.21
CA ALA A 261 8.76 -1.70 31.29
C ALA A 261 8.32 -0.24 31.22
N ARG A 262 7.01 0.00 31.11
CA ARG A 262 6.47 1.36 31.10
C ARG A 262 6.89 2.17 32.31
N GLN A 263 6.87 1.56 33.48
CA GLN A 263 7.21 2.27 34.70
C GLN A 263 8.68 2.66 34.69
N PHE A 264 9.57 1.71 34.37
CA PHE A 264 10.99 2.01 34.29
C PHE A 264 11.30 3.07 33.24
N ASN A 265 10.66 2.94 32.07
CA ASN A 265 10.91 3.81 30.93
C ASN A 265 10.65 5.27 31.25
N GLU A 266 9.63 5.51 32.06
CA GLU A 266 9.25 6.85 32.45
C GLU A 266 10.34 7.50 33.33
N ALA A 267 11.11 6.66 34.00
CA ALA A 267 12.15 7.09 34.93
C ALA A 267 13.52 7.19 34.25
N VAL A 268 13.87 6.13 33.53
CA VAL A 268 15.12 6.06 32.78
C VAL A 268 14.80 5.44 31.42
N LYS A 269 15.12 6.15 30.34
CA LYS A 269 14.69 5.70 29.02
C LYS A 269 15.35 4.39 28.60
N ILE A 270 14.51 3.41 28.27
CA ILE A 270 14.99 2.11 27.86
C ILE A 270 15.46 2.13 26.40
N ASP A 271 16.66 1.58 26.15
CA ASP A 271 17.19 1.44 24.79
C ASP A 271 16.91 0.04 24.22
N GLY A 272 16.95 -0.97 25.06
CA GLY A 272 16.76 -2.33 24.60
C GLY A 272 16.10 -3.23 25.64
N ILE A 273 15.60 -4.38 25.19
CA ILE A 273 14.88 -5.29 26.07
C ILE A 273 15.46 -6.69 26.02
N ILE A 274 15.41 -7.40 27.15
CA ILE A 274 15.75 -8.81 27.19
C ILE A 274 14.62 -9.59 27.88
N LEU A 275 14.15 -10.66 27.24
CA LEU A 275 13.07 -11.48 27.79
C LEU A 275 13.59 -12.84 28.19
N THR A 276 13.40 -13.19 29.45
CA THR A 276 13.83 -14.48 29.97
C THR A 276 12.67 -15.46 30.00
N LYS A 277 13.00 -16.75 30.06
CA LYS A 277 11.99 -17.83 30.11
C LYS A 277 11.00 -17.76 28.95
N LEU A 278 11.47 -17.28 27.81
CA LEU A 278 10.59 -17.11 26.65
C LEU A 278 10.17 -18.48 26.11
N ASP A 279 11.13 -19.42 26.13
CA ASP A 279 10.93 -20.80 25.68
C ASP A 279 9.72 -21.45 26.35
N ALA A 280 9.37 -20.96 27.53
CA ALA A 280 8.24 -21.53 28.29
C ALA A 280 6.98 -20.68 28.19
N ASP A 281 7.01 -19.64 27.34
CA ASP A 281 5.86 -18.73 27.22
C ASP A 281 4.78 -19.36 26.35
N ALA A 282 3.71 -19.84 26.98
CA ALA A 282 2.65 -20.52 26.24
C ALA A 282 1.56 -19.55 25.76
N ARG A 283 1.80 -18.26 25.96
CA ARG A 283 0.81 -17.25 25.61
C ARG A 283 1.29 -16.33 24.49
N GLY A 284 2.18 -15.40 24.79
CA GLY A 284 2.87 -14.65 23.75
C GLY A 284 2.41 -13.23 23.48
N GLY A 285 1.25 -12.85 23.98
CA GLY A 285 0.71 -11.51 23.75
C GLY A 285 1.56 -10.36 24.28
N ALA A 286 2.13 -10.55 25.46
CA ALA A 286 2.99 -9.53 26.05
C ALA A 286 4.30 -9.43 25.29
N ALA A 287 4.96 -10.57 25.07
CA ALA A 287 6.20 -10.59 24.30
C ALA A 287 6.07 -9.92 22.93
N LEU A 288 4.91 -10.11 22.31
CA LEU A 288 4.59 -9.51 21.02
C LEU A 288 4.42 -8.01 21.14
N SER A 289 3.96 -7.56 22.31
CA SER A 289 3.60 -6.16 22.49
C SER A 289 4.75 -5.27 22.91
N ILE A 290 5.73 -5.84 23.61
CA ILE A 290 6.65 -4.98 24.38
C ILE A 290 7.52 -4.03 23.54
N SER A 291 8.08 -4.51 22.44
CA SER A 291 8.90 -3.67 21.56
C SER A 291 8.17 -2.44 21.05
N TYR A 292 6.94 -2.66 20.63
CA TYR A 292 6.11 -1.60 20.13
C TYR A 292 5.81 -0.54 21.19
N VAL A 293 5.37 -0.99 22.35
CA VAL A 293 4.93 -0.07 23.40
C VAL A 293 6.07 0.86 23.88
N ILE A 294 7.24 0.28 24.07
CA ILE A 294 8.41 0.96 24.60
C ILE A 294 9.27 1.55 23.47
N ASP A 295 8.92 1.18 22.23
CA ASP A 295 9.69 1.57 21.05
C ASP A 295 11.19 1.28 21.23
N ALA A 296 11.50 0.02 21.50
CA ALA A 296 12.85 -0.40 21.82
C ALA A 296 12.95 -1.84 21.39
N PRO A 297 14.05 -2.18 20.72
CA PRO A 297 14.20 -3.54 20.21
C PRO A 297 14.48 -4.55 21.32
N ILE A 298 14.03 -5.78 21.12
CA ILE A 298 14.45 -6.91 21.93
C ILE A 298 15.82 -7.35 21.44
N LEU A 299 16.81 -7.33 22.32
CA LEU A 299 18.18 -7.66 21.97
C LEU A 299 18.50 -9.14 22.16
N PHE A 300 18.09 -9.71 23.29
CA PHE A 300 18.34 -11.13 23.58
C PHE A 300 17.10 -11.77 24.17
N VAL A 301 17.01 -13.09 24.03
CA VAL A 301 15.94 -13.87 24.64
C VAL A 301 16.52 -15.09 25.35
N GLY A 302 15.98 -15.41 26.53
CA GLY A 302 16.37 -16.59 27.27
C GLY A 302 15.52 -17.79 26.89
N VAL A 303 16.16 -18.82 26.36
CA VAL A 303 15.41 -20.02 25.93
C VAL A 303 15.88 -21.29 26.63
N GLY A 304 16.53 -21.14 27.77
CA GLY A 304 17.00 -22.27 28.54
C GLY A 304 17.84 -21.80 29.70
N GLN A 305 18.37 -22.76 30.45
CA GLN A 305 19.07 -22.45 31.69
C GLN A 305 20.59 -22.52 31.54
N GLY A 306 21.05 -22.84 30.34
CA GLY A 306 22.47 -22.83 30.06
C GLY A 306 22.95 -21.47 29.60
N TYR A 307 24.26 -21.23 29.73
CA TYR A 307 24.86 -19.95 29.32
C TYR A 307 24.62 -19.61 27.86
N ASP A 308 24.62 -20.63 27.01
CA ASP A 308 24.38 -20.42 25.58
C ASP A 308 22.88 -20.41 25.28
N ASP A 309 22.08 -20.41 26.34
CA ASP A 309 20.63 -20.29 26.20
C ASP A 309 20.15 -18.83 26.29
N LEU A 310 21.09 -17.89 26.31
CA LEU A 310 20.76 -16.49 26.10
C LEU A 310 21.11 -16.21 24.65
N ARG A 311 20.11 -16.08 23.80
CA ARG A 311 20.38 -15.93 22.37
C ARG A 311 20.00 -14.57 21.84
N PRO A 312 20.83 -14.03 20.94
CA PRO A 312 20.48 -12.80 20.23
C PRO A 312 19.11 -12.96 19.60
N PHE A 313 18.32 -11.90 19.60
CA PHE A 313 16.96 -11.97 19.10
C PHE A 313 16.91 -11.86 17.57
N GLU A 314 16.13 -12.73 16.94
CA GLU A 314 15.94 -12.67 15.51
C GLU A 314 14.45 -12.62 15.21
N LYS A 315 14.03 -11.60 14.49
CA LYS A 315 12.61 -11.38 14.19
C LYS A 315 11.96 -12.58 13.51
N GLU A 316 12.68 -13.20 12.58
CA GLU A 316 12.11 -14.29 11.80
C GLU A 316 11.89 -15.55 12.64
N TRP A 317 12.78 -15.79 13.59
CA TRP A 317 12.61 -16.93 14.49
C TRP A 317 11.34 -16.73 15.31
N PHE A 318 11.11 -15.48 15.70
CA PHE A 318 9.97 -15.13 16.52
C PHE A 318 8.66 -15.32 15.74
N LEU A 319 8.64 -14.83 14.52
CA LEU A 319 7.50 -15.06 13.63
C LEU A 319 7.26 -16.56 13.37
N GLU A 320 8.34 -17.31 13.15
CA GLU A 320 8.22 -18.75 12.95
C GLU A 320 7.49 -19.36 14.14
N ARG A 321 7.86 -18.92 15.34
CA ARG A 321 7.27 -19.47 16.55
C ARG A 321 5.79 -19.14 16.64
N ILE A 322 5.43 -17.93 16.22
CA ILE A 322 4.03 -17.53 16.32
C ILE A 322 3.18 -18.27 15.32
N PHE A 323 3.65 -18.33 14.07
CA PHE A 323 2.80 -18.87 13.02
C PHE A 323 2.99 -20.37 12.75
N GLY A 324 4.20 -20.86 12.98
CA GLY A 324 4.51 -22.26 12.71
C GLY A 324 5.18 -22.42 11.37
N MET B 7 15.52 24.28 -3.14
CA MET B 7 15.73 22.84 -3.14
C MET B 7 14.88 22.13 -2.08
N PHE B 8 14.00 21.24 -2.53
CA PHE B 8 13.02 20.57 -1.66
C PHE B 8 12.19 21.59 -0.89
N GLY B 9 12.14 22.81 -1.41
CA GLY B 9 11.45 23.90 -0.75
C GLY B 9 10.00 23.58 -0.43
N LYS B 10 9.29 23.01 -1.41
CA LYS B 10 7.88 22.72 -1.23
C LYS B 10 7.68 21.71 -0.10
N LEU B 11 8.50 20.65 -0.13
CA LEU B 11 8.46 19.65 0.93
C LEU B 11 8.68 20.29 2.30
N ARG B 12 9.73 21.11 2.40
CA ARG B 12 10.06 21.74 3.67
C ARG B 12 8.90 22.59 4.22
N GLU B 13 8.30 23.38 3.34
CA GLU B 13 7.24 24.30 3.72
C GLU B 13 6.04 23.58 4.36
N LYS B 14 5.71 22.41 3.85
CA LYS B 14 4.52 21.70 4.30
C LYS B 14 4.78 20.88 5.57
N LEU B 15 5.98 20.29 5.65
CA LEU B 15 6.40 19.62 6.87
C LEU B 15 6.44 20.63 8.02
N LYS B 16 6.95 21.82 7.72
CA LYS B 16 7.02 22.89 8.72
C LYS B 16 5.63 23.34 9.21
N SER B 17 4.69 23.53 8.29
CA SER B 17 3.35 23.93 8.71
C SER B 17 2.67 22.86 9.56
N PHE B 18 2.91 21.59 9.24
CA PHE B 18 2.35 20.51 10.04
C PHE B 18 2.87 20.56 11.48
N VAL B 19 4.19 20.69 11.59
CA VAL B 19 4.83 20.80 12.91
C VAL B 19 4.26 21.96 13.72
N LYS B 20 4.07 23.10 13.07
CA LYS B 20 3.53 24.27 13.76
C LYS B 20 2.06 24.07 14.10
N ARG B 21 1.33 23.39 13.22
CA ARG B 21 -0.07 23.10 13.50
C ARG B 21 -0.24 22.21 14.75
N VAL B 22 0.60 21.19 14.89
CA VAL B 22 0.49 20.31 16.06
C VAL B 22 0.96 21.02 17.32
N GLU B 23 2.06 21.77 17.20
CA GLU B 23 2.60 22.56 18.31
C GLU B 23 1.52 23.38 19.01
N GLU B 24 0.70 24.08 18.23
CA GLU B 24 -0.41 24.84 18.77
C GLU B 24 -1.31 23.98 19.64
N GLU B 25 -1.70 22.81 19.13
CA GLU B 25 -2.62 21.95 19.86
C GLU B 25 -1.97 21.43 21.14
N VAL B 26 -0.66 21.23 21.09
CA VAL B 26 0.07 20.76 22.25
C VAL B 26 0.27 21.87 23.29
N GLU B 27 0.54 23.09 22.83
CA GLU B 27 0.64 24.24 23.73
C GLU B 27 -0.72 24.42 24.38
N LYS B 28 -1.75 24.32 23.56
CA LYS B 28 -3.14 24.50 23.99
C LYS B 28 -3.57 23.35 24.90
N GLU B 29 -2.62 22.51 25.25
CA GLU B 29 -2.91 21.42 26.17
C GLU B 29 -1.98 21.49 27.38
N GLU B 30 -0.79 22.05 27.19
CA GLU B 30 0.04 22.46 28.31
C GLU B 30 -0.73 23.47 29.14
N GLU B 31 -1.44 24.35 28.45
CA GLU B 31 -2.27 25.36 29.12
C GLU B 31 -3.66 24.81 29.36
N GLU B 32 -3.74 23.50 29.61
CA GLU B 32 -4.98 22.88 30.08
C GLU B 32 -4.68 22.23 31.42
N VAL B 33 -3.45 21.72 31.54
CA VAL B 33 -2.88 21.46 32.85
C VAL B 33 -2.64 22.86 33.42
N GLU B 34 -2.50 22.98 34.73
CA GLU B 34 -2.34 24.28 35.40
C GLU B 34 -3.68 24.94 35.72
N LEU B 43 2.80 17.25 35.92
CA LEU B 43 4.24 17.37 35.65
C LEU B 43 4.54 17.08 34.17
N THR B 44 3.55 16.52 33.49
CA THR B 44 3.72 16.13 32.10
C THR B 44 2.44 16.34 31.29
N VAL B 45 2.58 16.56 29.99
CA VAL B 45 1.42 16.67 29.11
C VAL B 45 1.49 15.60 28.02
N GLU B 46 0.36 14.98 27.72
CA GLU B 46 0.34 13.85 26.80
C GLU B 46 -0.30 14.23 25.47
N ILE B 47 0.44 14.09 24.37
CA ILE B 47 -0.13 14.36 23.05
C ILE B 47 -1.25 13.36 22.75
N LYS B 48 -2.42 13.88 22.39
CA LYS B 48 -3.58 13.04 22.11
C LYS B 48 -3.97 13.02 20.63
N GLU B 49 -4.65 11.96 20.22
CA GLU B 49 -5.08 11.81 18.84
C GLU B 49 -5.71 13.10 18.32
N LYS B 50 -6.56 13.71 19.14
CA LYS B 50 -7.23 14.93 18.72
C LYS B 50 -6.25 16.06 18.45
N ASP B 51 -5.00 15.90 18.88
CA ASP B 51 -3.97 16.91 18.63
C ASP B 51 -3.31 16.82 17.26
N VAL B 52 -3.32 15.64 16.65
CA VAL B 52 -2.59 15.44 15.40
C VAL B 52 -3.47 15.20 14.18
N ASP B 53 -4.73 14.82 14.41
CA ASP B 53 -5.61 14.38 13.32
C ASP B 53 -5.78 15.41 12.20
N LYS B 54 -6.33 16.56 12.52
CA LYS B 54 -6.61 17.56 11.50
C LYS B 54 -5.34 17.99 10.79
N ALA B 55 -4.25 18.14 11.53
CA ALA B 55 -2.96 18.45 10.93
C ALA B 55 -2.46 17.31 10.02
N LEU B 56 -2.71 16.06 10.41
CA LEU B 56 -2.29 14.94 9.59
C LEU B 56 -3.03 14.93 8.27
N ASP B 57 -4.34 15.11 8.33
CA ASP B 57 -5.17 15.18 7.13
C ASP B 57 -4.72 16.30 6.18
N GLU B 58 -4.41 17.45 6.75
CA GLU B 58 -3.91 18.54 5.93
C GLU B 58 -2.51 18.22 5.39
N LEU B 59 -1.75 17.43 6.14
CA LEU B 59 -0.42 17.04 5.68
C LEU B 59 -0.56 16.12 4.48
N GLU B 60 -1.55 15.25 4.53
CA GLU B 60 -1.80 14.35 3.42
C GLU B 60 -2.11 15.10 2.13
N ILE B 61 -3.02 16.06 2.20
CA ILE B 61 -3.31 16.93 1.06
C ILE B 61 -2.04 17.57 0.52
N ASP B 62 -1.31 18.24 1.41
CA ASP B 62 -0.09 18.95 1.05
C ASP B 62 0.98 18.06 0.41
N LEU B 63 1.13 16.85 0.95
CA LEU B 63 2.15 15.93 0.44
C LEU B 63 1.80 15.41 -0.95
N LEU B 64 0.54 15.04 -1.15
CA LEU B 64 0.03 14.61 -2.45
C LEU B 64 0.27 15.70 -3.50
N GLU B 65 0.06 16.95 -3.10
CA GLU B 65 0.35 18.07 -4.00
C GLU B 65 1.84 18.28 -4.25
N ALA B 66 2.70 17.65 -3.46
CA ALA B 66 4.13 17.83 -3.67
C ALA B 66 4.79 16.59 -4.27
N ASP B 67 3.96 15.75 -4.90
CA ASP B 67 4.43 14.56 -5.63
C ASP B 67 4.85 13.42 -4.71
N VAL B 68 4.44 13.45 -3.44
CA VAL B 68 4.72 12.31 -2.60
C VAL B 68 3.75 11.21 -2.96
N ALA B 69 4.27 10.03 -3.23
CA ALA B 69 3.44 8.87 -3.53
C ALA B 69 2.51 8.57 -2.37
N LEU B 70 1.30 8.10 -2.67
CA LEU B 70 0.31 7.84 -1.64
C LEU B 70 0.83 6.82 -0.63
N GLU B 71 1.45 5.76 -1.13
CA GLU B 71 2.02 4.74 -0.26
C GLU B 71 2.96 5.37 0.78
N VAL B 72 3.74 6.36 0.35
CA VAL B 72 4.69 7.02 1.24
C VAL B 72 3.96 7.96 2.17
N VAL B 73 2.91 8.61 1.65
CA VAL B 73 2.11 9.49 2.48
C VAL B 73 1.47 8.72 3.63
N ASP B 74 1.07 7.48 3.35
CA ASP B 74 0.37 6.67 4.32
C ASP B 74 1.34 6.14 5.36
N ALA B 75 2.51 5.72 4.90
CA ALA B 75 3.53 5.22 5.80
C ALA B 75 3.99 6.32 6.76
N LEU B 76 4.10 7.54 6.24
CA LEU B 76 4.44 8.70 7.07
C LEU B 76 3.35 9.01 8.08
N ARG B 77 2.09 8.97 7.65
CA ARG B 77 1.01 9.15 8.61
C ARG B 77 1.18 8.17 9.76
N GLU B 78 1.33 6.89 9.42
CA GLU B 78 1.42 5.83 10.41
C GLU B 78 2.55 6.05 11.40
N LYS B 79 3.75 6.35 10.89
CA LYS B 79 4.92 6.57 11.72
C LYS B 79 4.78 7.78 12.63
N ILE B 80 4.40 8.92 12.04
CA ILE B 80 4.22 10.16 12.79
C ILE B 80 3.22 9.91 13.91
N LYS B 81 2.11 9.27 13.58
CA LYS B 81 1.08 8.95 14.56
C LYS B 81 1.60 8.04 15.69
N GLN B 82 2.36 7.00 15.36
CA GLN B 82 2.79 6.07 16.39
C GLN B 82 3.88 6.70 17.26
N LYS B 83 4.65 7.63 16.71
CA LYS B 83 5.67 8.34 17.49
C LYS B 83 5.08 9.43 18.40
N LEU B 84 3.99 10.06 17.98
CA LEU B 84 3.46 11.22 18.71
C LEU B 84 2.30 10.92 19.67
N VAL B 85 1.30 10.16 19.23
CA VAL B 85 0.11 9.94 20.04
C VAL B 85 0.45 9.12 21.29
N GLY B 86 0.09 9.65 22.46
CA GLY B 86 0.44 9.01 23.71
C GLY B 86 1.82 9.40 24.23
N LYS B 87 2.58 10.12 23.41
CA LYS B 87 3.88 10.63 23.85
C LYS B 87 3.65 11.65 24.96
N LYS B 88 4.32 11.45 26.09
CA LYS B 88 4.23 12.40 27.20
C LYS B 88 5.47 13.27 27.22
N VAL B 89 5.28 14.58 27.30
CA VAL B 89 6.42 15.49 27.34
C VAL B 89 6.33 16.41 28.55
N ARG B 90 7.49 16.73 29.11
CA ARG B 90 7.56 17.61 30.27
C ARG B 90 7.05 19.01 29.94
N ILE B 91 6.32 19.63 30.87
CA ILE B 91 5.93 21.01 30.64
C ILE B 91 7.19 21.90 30.64
N GLY B 92 7.13 23.01 29.93
CA GLY B 92 8.27 23.90 29.80
C GLY B 92 9.14 23.58 28.60
N THR B 93 9.03 22.36 28.08
CA THR B 93 9.86 21.93 26.95
C THR B 93 9.39 22.55 25.63
N ASP B 94 10.25 22.51 24.61
CA ASP B 94 9.89 23.08 23.32
C ASP B 94 9.12 22.06 22.47
N LYS B 95 7.82 22.27 22.35
CA LYS B 95 6.97 21.31 21.65
C LYS B 95 7.34 21.22 20.17
N GLY B 96 7.50 22.37 19.54
CA GLY B 96 7.85 22.42 18.14
C GLY B 96 9.03 21.54 17.80
N LYS B 97 10.04 21.53 18.67
CA LYS B 97 11.23 20.78 18.36
C LYS B 97 11.05 19.27 18.57
N ILE B 98 10.28 18.92 19.59
CA ILE B 98 9.99 17.52 19.84
C ILE B 98 9.13 16.94 18.70
N ILE B 99 8.12 17.69 18.26
CA ILE B 99 7.26 17.24 17.18
C ILE B 99 8.08 17.07 15.89
N GLU B 100 8.89 18.07 15.58
CA GLU B 100 9.75 18.04 14.40
C GLU B 100 10.73 16.87 14.41
N GLU B 101 11.21 16.50 15.58
CA GLU B 101 12.15 15.37 15.68
C GLU B 101 11.45 14.06 15.32
N ALA B 102 10.23 13.89 15.80
CA ALA B 102 9.39 12.78 15.40
C ALA B 102 9.27 12.74 13.88
N VAL B 103 8.83 13.86 13.31
CA VAL B 103 8.64 13.94 11.86
C VAL B 103 9.92 13.60 11.12
N LYS B 104 11.03 14.11 11.63
CA LYS B 104 12.32 13.85 11.03
C LYS B 104 12.67 12.37 11.10
N GLU B 105 12.33 11.72 12.21
CA GLU B 105 12.58 10.29 12.34
C GLU B 105 11.74 9.53 11.32
N ALA B 106 10.48 9.92 11.18
CA ALA B 106 9.60 9.28 10.22
C ALA B 106 10.19 9.38 8.81
N VAL B 107 10.59 10.59 8.43
CA VAL B 107 11.14 10.81 7.10
C VAL B 107 12.41 9.97 6.92
N SER B 108 13.25 9.95 7.94
CA SER B 108 14.48 9.18 7.87
C SER B 108 14.22 7.67 7.69
N GLU B 109 13.21 7.14 8.36
CA GLU B 109 12.89 5.73 8.19
C GLU B 109 12.37 5.42 6.78
N ILE B 110 11.66 6.39 6.21
CA ILE B 110 11.11 6.24 4.86
C ILE B 110 12.25 6.04 3.87
N LEU B 111 13.36 6.73 4.10
CA LEU B 111 14.54 6.59 3.25
C LEU B 111 15.35 5.31 3.48
N GLU B 112 15.02 4.55 4.52
CA GLU B 112 15.77 3.34 4.83
C GLU B 112 15.29 2.16 4.00
N THR B 113 16.18 1.60 3.20
CA THR B 113 15.84 0.50 2.28
C THR B 113 16.25 -0.85 2.83
N SER B 114 15.62 -1.91 2.33
CA SER B 114 15.83 -3.26 2.84
C SER B 114 17.26 -3.77 2.63
N ARG B 115 18.14 -2.91 2.16
CA ARG B 115 19.55 -3.26 1.98
C ARG B 115 20.37 -2.11 1.43
N ARG B 116 21.19 -1.50 2.27
CA ARG B 116 22.17 -0.52 1.79
C ARG B 116 23.19 -1.29 0.95
N ILE B 117 23.90 -0.60 0.07
CA ILE B 117 24.79 -1.25 -0.89
C ILE B 117 26.13 -0.55 -1.00
N ASP B 118 27.21 -1.29 -0.72
CA ASP B 118 28.56 -0.75 -0.90
C ASP B 118 29.11 -1.23 -2.24
N LEU B 119 29.05 -0.35 -3.23
CA LEU B 119 29.37 -0.70 -4.61
C LEU B 119 30.76 -1.30 -4.75
N ILE B 120 31.76 -0.58 -4.26
CA ILE B 120 33.14 -1.03 -4.32
C ILE B 120 33.30 -2.40 -3.68
N GLU B 121 32.73 -2.58 -2.50
CA GLU B 121 32.82 -3.86 -1.82
C GLU B 121 32.20 -4.97 -2.68
N GLU B 122 31.06 -4.68 -3.29
CA GLU B 122 30.38 -5.66 -4.12
C GLU B 122 31.21 -6.06 -5.32
N ILE B 123 31.88 -5.08 -5.93
CA ILE B 123 32.71 -5.36 -7.09
C ILE B 123 33.93 -6.24 -6.70
N ARG B 124 34.68 -5.80 -5.69
CA ARG B 124 35.86 -6.53 -5.22
C ARG B 124 35.55 -7.98 -4.86
N LYS B 125 34.51 -8.20 -4.05
CA LYS B 125 34.19 -9.55 -3.60
C LYS B 125 33.54 -10.39 -4.68
N ALA B 126 33.32 -9.83 -5.86
CA ALA B 126 32.63 -10.57 -6.93
C ALA B 126 33.57 -11.04 -8.02
N GLU B 127 33.22 -12.18 -8.61
CA GLU B 127 33.97 -12.77 -9.73
C GLU B 127 33.79 -11.92 -10.99
N LYS B 128 34.90 -11.37 -11.51
CA LYS B 128 34.83 -10.46 -12.64
C LYS B 128 34.37 -11.14 -13.91
N PRO B 129 33.65 -10.40 -14.77
CA PRO B 129 33.35 -8.99 -14.54
C PRO B 129 32.05 -8.79 -13.75
N TYR B 130 32.01 -7.74 -12.95
CA TYR B 130 30.78 -7.29 -12.31
C TYR B 130 30.00 -6.52 -13.38
N VAL B 131 28.78 -6.97 -13.66
CA VAL B 131 27.98 -6.42 -14.76
C VAL B 131 26.83 -5.56 -14.23
N ILE B 132 26.83 -4.29 -14.62
CA ILE B 132 25.77 -3.36 -14.24
C ILE B 132 24.90 -3.00 -15.44
N MET B 133 23.60 -3.19 -15.28
CA MET B 133 22.65 -2.88 -16.32
C MET B 133 21.86 -1.66 -15.89
N PHE B 134 21.82 -0.64 -16.74
CA PHE B 134 21.02 0.55 -16.49
C PHE B 134 19.68 0.53 -17.20
N VAL B 135 18.64 0.98 -16.51
CA VAL B 135 17.32 1.09 -17.09
C VAL B 135 16.82 2.51 -16.86
N GLY B 136 15.96 2.98 -17.76
CA GLY B 136 15.32 4.29 -17.64
C GLY B 136 14.89 4.83 -18.99
N PHE B 137 14.02 5.83 -18.97
CA PHE B 137 13.53 6.46 -20.19
C PHE B 137 14.48 7.55 -20.68
N ASN B 138 14.45 7.83 -21.97
CA ASN B 138 15.31 8.86 -22.53
C ASN B 138 15.08 10.21 -21.85
N GLY B 139 16.13 11.04 -21.78
CA GLY B 139 16.03 12.33 -21.13
C GLY B 139 16.23 12.26 -19.62
N SER B 140 16.47 11.07 -19.10
CA SER B 140 16.71 10.88 -17.67
C SER B 140 18.18 11.09 -17.29
N GLY B 141 19.03 11.29 -18.30
CA GLY B 141 20.45 11.51 -18.08
C GLY B 141 21.25 10.22 -18.00
N LYS B 142 20.67 9.13 -18.50
CA LYS B 142 21.31 7.81 -18.44
C LYS B 142 22.70 7.79 -19.10
N THR B 143 22.79 8.33 -20.31
CA THR B 143 24.03 8.21 -21.07
C THR B 143 25.19 8.94 -20.40
N THR B 144 24.94 10.17 -19.98
CA THR B 144 25.92 10.98 -19.28
C THR B 144 26.31 10.31 -17.97
N THR B 145 25.29 9.81 -17.27
CA THR B 145 25.47 9.17 -15.96
C THR B 145 26.39 7.96 -16.02
N ILE B 146 26.31 7.20 -17.10
CA ILE B 146 27.14 6.03 -17.25
C ILE B 146 28.62 6.42 -17.41
N ALA B 147 28.86 7.51 -18.14
CA ALA B 147 30.21 8.03 -18.30
C ALA B 147 30.77 8.46 -16.95
N LYS B 148 29.97 9.21 -16.19
CA LYS B 148 30.40 9.67 -14.88
C LYS B 148 30.66 8.51 -13.95
N LEU B 149 29.80 7.49 -13.99
CA LEU B 149 30.00 6.33 -13.13
C LEU B 149 31.27 5.57 -13.54
N ALA B 150 31.55 5.54 -14.83
CA ALA B 150 32.77 4.90 -15.31
C ALA B 150 33.99 5.64 -14.77
N ASN B 151 33.96 6.96 -14.83
CA ASN B 151 35.04 7.77 -14.32
C ASN B 151 35.29 7.50 -12.84
N TRP B 152 34.21 7.50 -12.07
CA TRP B 152 34.26 7.21 -10.64
C TRP B 152 34.88 5.85 -10.37
N LEU B 153 34.45 4.85 -11.12
CA LEU B 153 34.95 3.50 -10.89
C LEU B 153 36.44 3.42 -11.21
N LYS B 154 36.87 4.06 -12.28
CA LYS B 154 38.28 4.07 -12.62
C LYS B 154 39.09 4.74 -11.51
N ASN B 155 38.59 5.84 -10.98
CA ASN B 155 39.29 6.59 -9.92
C ASN B 155 39.44 5.77 -8.63
N HIS B 156 38.66 4.70 -8.50
CA HIS B 156 38.87 3.76 -7.39
C HIS B 156 39.61 2.50 -7.85
N GLY B 157 40.22 2.56 -9.03
CA GLY B 157 41.12 1.52 -9.49
C GLY B 157 40.48 0.27 -10.09
N PHE B 158 39.31 0.44 -10.69
CA PHE B 158 38.69 -0.66 -11.42
C PHE B 158 38.81 -0.43 -12.92
N SER B 159 39.00 -1.50 -13.68
CA SER B 159 38.94 -1.41 -15.13
C SER B 159 37.46 -1.45 -15.54
N VAL B 160 37.12 -0.72 -16.59
CA VAL B 160 35.72 -0.57 -16.97
C VAL B 160 35.57 -0.67 -18.48
N VAL B 161 34.48 -1.28 -18.93
CA VAL B 161 34.10 -1.20 -20.34
C VAL B 161 32.59 -0.94 -20.49
N ILE B 162 32.21 -0.22 -21.54
CA ILE B 162 30.82 0.17 -21.73
C ILE B 162 30.22 -0.48 -22.97
N ALA B 163 29.05 -1.08 -22.81
CA ALA B 163 28.31 -1.62 -23.96
C ALA B 163 27.30 -0.59 -24.48
N ALA B 164 27.43 -0.21 -25.74
CA ALA B 164 26.50 0.71 -26.34
C ALA B 164 25.24 -0.03 -26.82
N SER B 165 24.41 -0.48 -25.88
CA SER B 165 23.20 -1.24 -26.21
C SER B 165 22.00 -0.36 -26.53
N ASP B 166 22.21 0.96 -26.51
CA ASP B 166 21.19 1.90 -26.97
C ASP B 166 21.31 2.04 -28.50
N THR B 167 21.12 0.92 -29.19
CA THR B 167 21.54 0.77 -30.60
C THR B 167 20.86 1.62 -31.67
N PHE B 168 19.73 2.24 -31.35
CA PHE B 168 19.01 3.05 -32.31
C PHE B 168 19.20 4.56 -32.14
N ARG B 169 20.19 4.96 -31.34
CA ARG B 169 20.47 6.38 -31.15
C ARG B 169 21.90 6.69 -31.49
N ALA B 170 22.16 6.92 -32.77
CA ALA B 170 23.53 7.15 -33.21
C ALA B 170 24.12 8.37 -32.50
N GLY B 171 23.26 9.35 -32.21
CA GLY B 171 23.71 10.55 -31.54
C GLY B 171 24.23 10.28 -30.14
N ALA B 172 23.42 9.59 -29.34
CA ALA B 172 23.80 9.32 -27.96
C ALA B 172 25.04 8.45 -27.88
N ILE B 173 25.20 7.57 -28.87
CA ILE B 173 26.35 6.69 -28.87
C ILE B 173 27.64 7.45 -29.20
N GLU B 174 27.57 8.42 -30.11
CA GLU B 174 28.73 9.27 -30.36
C GLU B 174 29.11 10.03 -29.11
N GLN B 175 28.11 10.58 -28.43
CA GLN B 175 28.36 11.34 -27.23
C GLN B 175 29.05 10.46 -26.20
N LEU B 176 28.52 9.26 -26.02
CA LEU B 176 29.09 8.27 -25.11
C LEU B 176 30.56 8.02 -25.45
N GLU B 177 30.81 7.75 -26.72
CA GLU B 177 32.16 7.42 -27.16
C GLU B 177 33.15 8.56 -26.93
N GLU B 178 32.68 9.80 -27.07
CA GLU B 178 33.52 10.96 -26.82
C GLU B 178 33.93 11.03 -25.36
N HIS B 179 32.94 11.04 -24.45
CA HIS B 179 33.24 11.06 -23.03
C HIS B 179 34.15 9.88 -22.65
N ALA B 180 33.79 8.69 -23.08
CA ALA B 180 34.56 7.50 -22.72
C ALA B 180 36.02 7.61 -23.15
N LYS B 181 36.25 8.21 -24.32
CA LYS B 181 37.59 8.36 -24.87
C LYS B 181 38.41 9.26 -23.94
N ARG B 182 37.77 10.30 -23.42
CA ARG B 182 38.41 11.23 -22.51
C ARG B 182 38.92 10.53 -21.25
N ILE B 183 38.16 9.57 -20.74
CA ILE B 183 38.50 8.95 -19.46
C ILE B 183 39.09 7.56 -19.61
N GLY B 184 39.58 7.25 -20.81
CA GLY B 184 40.26 6.00 -21.05
C GLY B 184 39.40 4.77 -20.82
N VAL B 185 38.20 4.79 -21.39
CA VAL B 185 37.26 3.67 -21.29
C VAL B 185 36.80 3.23 -22.68
N LYS B 186 36.90 1.93 -22.99
CA LYS B 186 36.51 1.44 -24.30
C LYS B 186 34.99 1.24 -24.38
N VAL B 187 34.40 1.60 -25.52
CA VAL B 187 32.99 1.34 -25.79
C VAL B 187 32.82 0.25 -26.85
N ILE B 188 31.96 -0.72 -26.55
CA ILE B 188 31.68 -1.79 -27.49
C ILE B 188 30.36 -1.50 -28.19
N LYS B 189 30.38 -1.50 -29.52
CA LYS B 189 29.18 -1.21 -30.28
C LYS B 189 29.16 -2.04 -31.56
N HIS B 190 27.96 -2.34 -32.04
CA HIS B 190 27.78 -2.98 -33.33
C HIS B 190 27.21 -1.97 -34.30
N SER B 191 26.63 -2.46 -35.38
N SER B 191 26.63 -2.45 -35.38
CA SER B 191 26.04 -1.60 -36.39
CA SER B 191 26.07 -1.58 -36.40
C SER B 191 24.81 -0.89 -35.87
C SER B 191 24.78 -0.93 -35.91
N TYR B 192 24.30 0.06 -36.65
CA TYR B 192 23.10 0.80 -36.27
C TYR B 192 21.90 -0.14 -36.14
N GLY B 193 21.17 0.01 -35.04
CA GLY B 193 19.97 -0.78 -34.81
C GLY B 193 20.24 -2.25 -34.50
N ALA B 194 21.46 -2.55 -34.04
CA ALA B 194 21.82 -3.92 -33.68
C ALA B 194 20.97 -4.42 -32.50
N ASP B 195 20.96 -5.74 -32.31
CA ASP B 195 20.30 -6.33 -31.15
C ASP B 195 21.05 -5.91 -29.90
N PRO B 196 20.36 -5.22 -28.98
CA PRO B 196 20.96 -4.70 -27.74
C PRO B 196 21.56 -5.79 -26.85
N ALA B 197 20.90 -6.94 -26.74
CA ALA B 197 21.41 -8.03 -25.92
C ALA B 197 22.71 -8.59 -26.49
N ALA B 198 22.77 -8.68 -27.82
CA ALA B 198 23.97 -9.14 -28.50
C ALA B 198 25.17 -8.24 -28.21
N VAL B 199 24.97 -6.92 -28.24
CA VAL B 199 26.07 -6.00 -27.96
C VAL B 199 26.57 -6.17 -26.54
N ALA B 200 25.66 -6.16 -25.57
CA ALA B 200 26.04 -6.35 -24.18
C ALA B 200 26.75 -7.70 -23.94
N TYR B 201 26.25 -8.78 -24.54
CA TYR B 201 26.89 -10.08 -24.38
C TYR B 201 28.32 -9.99 -24.92
N ASP B 202 28.46 -9.41 -26.11
CA ASP B 202 29.76 -9.20 -26.72
C ASP B 202 30.69 -8.48 -25.75
N ALA B 203 30.22 -7.38 -25.17
CA ALA B 203 31.03 -6.60 -24.26
C ALA B 203 31.49 -7.46 -23.10
N ILE B 204 30.62 -8.34 -22.63
CA ILE B 204 30.96 -9.20 -21.51
C ILE B 204 32.05 -10.21 -21.90
N GLN B 205 31.98 -10.74 -23.11
CA GLN B 205 32.97 -11.72 -23.55
C GLN B 205 34.33 -11.05 -23.61
N HIS B 206 34.35 -9.82 -24.13
CA HIS B 206 35.54 -8.99 -24.14
C HIS B 206 36.08 -8.80 -22.73
N ALA B 207 35.27 -8.25 -21.82
CA ALA B 207 35.74 -8.04 -20.46
C ALA B 207 36.38 -9.30 -19.89
N LYS B 208 35.71 -10.44 -20.05
CA LYS B 208 36.31 -11.70 -19.61
C LYS B 208 37.71 -11.85 -20.23
N ALA B 209 37.76 -11.83 -21.56
CA ALA B 209 39.01 -11.99 -22.30
C ALA B 209 40.11 -11.04 -21.86
N ARG B 210 39.74 -9.87 -21.35
CA ARG B 210 40.73 -8.85 -21.04
C ARG B 210 40.89 -8.64 -19.54
N GLY B 211 40.23 -9.47 -18.74
CA GLY B 211 40.21 -9.30 -17.31
C GLY B 211 39.78 -7.91 -16.87
N ILE B 212 38.63 -7.46 -17.36
CA ILE B 212 38.09 -6.17 -16.97
C ILE B 212 37.21 -6.36 -15.75
N ASP B 213 37.24 -5.39 -14.84
CA ASP B 213 36.46 -5.50 -13.60
C ASP B 213 34.96 -5.30 -13.83
N VAL B 214 34.63 -4.26 -14.59
CA VAL B 214 33.25 -3.80 -14.68
C VAL B 214 32.78 -3.61 -16.12
N VAL B 215 31.56 -4.08 -16.38
CA VAL B 215 30.88 -3.77 -17.63
C VAL B 215 29.63 -2.94 -17.33
N LEU B 216 29.53 -1.79 -17.98
CA LEU B 216 28.34 -0.96 -17.84
C LEU B 216 27.48 -1.09 -19.10
N ILE B 217 26.21 -1.42 -18.94
CA ILE B 217 25.35 -1.56 -20.12
C ILE B 217 24.46 -0.32 -20.31
N ASP B 218 24.69 0.42 -21.39
CA ASP B 218 23.83 1.56 -21.74
C ASP B 218 22.66 1.02 -22.59
N THR B 219 21.43 1.27 -22.15
CA THR B 219 20.27 0.70 -22.83
C THR B 219 19.35 1.74 -23.43
N ALA B 220 18.48 1.30 -24.33
CA ALA B 220 17.48 2.15 -24.95
C ALA B 220 16.55 2.69 -23.89
N GLY B 221 15.97 3.86 -24.18
CA GLY B 221 15.03 4.50 -23.27
C GLY B 221 13.71 4.82 -23.93
N ARG B 222 13.41 4.15 -25.04
CA ARG B 222 12.10 4.21 -25.69
C ARG B 222 11.86 2.93 -26.50
N SER B 223 10.61 2.60 -26.78
CA SER B 223 10.28 1.51 -27.69
C SER B 223 10.58 1.93 -29.11
N GLU B 224 11.02 0.98 -29.95
CA GLU B 224 11.21 1.26 -31.37
C GLU B 224 9.99 0.84 -32.19
N THR B 225 10.06 1.05 -33.51
CA THR B 225 9.14 0.42 -34.44
C THR B 225 9.48 -1.06 -34.38
N ASN B 226 8.93 -1.74 -33.37
CA ASN B 226 9.49 -2.99 -32.92
C ASN B 226 8.63 -3.62 -31.83
N ARG B 227 9.03 -3.45 -30.59
CA ARG B 227 8.30 -4.00 -29.45
C ARG B 227 8.70 -3.38 -28.12
N ASN B 228 7.91 -3.67 -27.08
CA ASN B 228 8.04 -3.04 -25.77
C ASN B 228 9.48 -2.92 -25.23
N LEU B 229 9.85 -1.69 -24.90
CA LEU B 229 11.06 -1.39 -24.15
C LEU B 229 11.21 -2.36 -22.98
N MET B 230 10.12 -2.58 -22.25
CA MET B 230 10.12 -3.49 -21.10
C MET B 230 10.54 -4.92 -21.44
N ASP B 231 10.13 -5.41 -22.60
CA ASP B 231 10.50 -6.76 -23.03
C ASP B 231 11.97 -6.77 -23.40
N GLU B 232 12.40 -5.75 -24.13
CA GLU B 232 13.79 -5.60 -24.49
C GLU B 232 14.67 -5.64 -23.24
N MET B 233 14.24 -4.97 -22.17
CA MET B 233 15.03 -4.94 -20.94
C MET B 233 15.12 -6.34 -20.33
N LYS B 234 14.02 -7.08 -20.37
CA LYS B 234 14.00 -8.45 -19.85
C LYS B 234 14.94 -9.33 -20.66
N LYS B 235 14.95 -9.15 -21.98
CA LYS B 235 15.82 -9.93 -22.84
C LYS B 235 17.27 -9.66 -22.50
N ILE B 236 17.62 -8.40 -22.34
CA ILE B 236 18.99 -8.02 -21.99
C ILE B 236 19.38 -8.63 -20.65
N ALA B 237 18.46 -8.52 -19.68
CA ALA B 237 18.73 -9.02 -18.34
C ALA B 237 18.97 -10.53 -18.39
N ARG B 238 18.16 -11.25 -19.17
CA ARG B 238 18.33 -12.69 -19.30
C ARG B 238 19.68 -13.02 -19.92
N VAL B 239 20.08 -12.26 -20.93
CA VAL B 239 21.32 -12.58 -21.62
C VAL B 239 22.55 -12.26 -20.77
N THR B 240 22.50 -11.16 -20.03
CA THR B 240 23.67 -10.70 -19.30
C THR B 240 23.68 -11.05 -17.83
N LYS B 241 22.54 -11.46 -17.28
CA LYS B 241 22.51 -11.82 -15.86
C LYS B 241 23.28 -10.80 -15.02
N PRO B 242 22.82 -9.55 -15.04
CA PRO B 242 23.42 -8.40 -14.34
C PRO B 242 23.71 -8.69 -12.87
N ASN B 243 24.88 -8.27 -12.37
CA ASN B 243 25.13 -8.27 -10.92
C ASN B 243 24.26 -7.24 -10.22
N LEU B 244 24.05 -6.12 -10.91
CA LEU B 244 23.31 -5.01 -10.37
C LEU B 244 22.50 -4.32 -11.46
N VAL B 245 21.25 -3.97 -11.16
CA VAL B 245 20.39 -3.23 -12.07
C VAL B 245 20.12 -1.84 -11.48
N ILE B 246 20.40 -0.80 -12.26
CA ILE B 246 20.28 0.56 -11.74
C ILE B 246 19.27 1.36 -12.53
N PHE B 247 18.25 1.89 -11.84
CA PHE B 247 17.31 2.81 -12.48
C PHE B 247 17.83 4.23 -12.47
N VAL B 248 17.90 4.85 -13.64
CA VAL B 248 18.24 6.27 -13.72
C VAL B 248 16.99 7.09 -13.95
N GLY B 249 16.86 8.18 -13.21
CA GLY B 249 15.72 9.07 -13.32
C GLY B 249 16.06 10.53 -13.08
N ASP B 250 15.33 11.40 -13.77
CA ASP B 250 15.51 12.84 -13.71
C ASP B 250 14.62 13.43 -12.62
N ALA B 251 15.24 13.93 -11.55
CA ALA B 251 14.54 14.43 -10.37
C ALA B 251 13.51 15.53 -10.65
N LEU B 252 13.71 16.27 -11.73
CA LEU B 252 12.75 17.31 -12.15
C LEU B 252 11.45 16.73 -12.69
N ALA B 253 11.46 15.46 -13.06
CA ALA B 253 10.26 14.78 -13.53
C ALA B 253 9.44 14.22 -12.37
N GLY B 254 9.05 15.10 -11.43
CA GLY B 254 8.35 14.70 -10.23
C GLY B 254 7.00 14.05 -10.52
N ASN B 255 6.42 14.43 -11.64
CA ASN B 255 5.15 13.88 -12.07
C ASN B 255 5.30 12.62 -12.93
N ALA B 256 6.41 11.89 -12.76
CA ALA B 256 6.70 10.75 -13.64
C ALA B 256 7.63 9.65 -13.07
N ILE B 257 8.75 10.05 -12.46
CA ILE B 257 9.84 9.11 -12.14
C ILE B 257 9.45 7.90 -11.29
N VAL B 258 8.64 8.10 -10.26
CA VAL B 258 8.22 6.97 -9.44
C VAL B 258 7.43 5.96 -10.30
N GLU B 259 6.55 6.46 -11.16
CA GLU B 259 5.79 5.58 -12.06
C GLU B 259 6.73 4.90 -13.05
N GLN B 260 7.63 5.66 -13.64
CA GLN B 260 8.70 5.07 -14.43
C GLN B 260 9.38 3.88 -13.70
N ALA B 261 9.82 4.08 -12.47
CA ALA B 261 10.55 3.00 -11.78
C ALA B 261 9.66 1.80 -11.47
N ARG B 262 8.40 2.04 -11.14
CA ARG B 262 7.46 0.94 -10.94
C ARG B 262 7.39 0.08 -12.20
N GLN B 263 7.29 0.75 -13.35
CA GLN B 263 7.18 0.07 -14.61
C GLN B 263 8.42 -0.82 -14.85
N PHE B 264 9.61 -0.24 -14.74
CA PHE B 264 10.84 -1.00 -14.90
C PHE B 264 10.97 -2.10 -13.87
N ASN B 265 10.73 -1.76 -12.61
CA ASN B 265 10.90 -2.74 -11.55
C ASN B 265 10.05 -3.99 -11.81
N GLU B 266 8.93 -3.78 -12.50
CA GLU B 266 8.00 -4.86 -12.81
C GLU B 266 8.64 -5.85 -13.79
N ALA B 267 9.44 -5.34 -14.71
CA ALA B 267 10.06 -6.17 -15.73
C ALA B 267 11.37 -6.77 -15.24
N VAL B 268 12.24 -5.92 -14.72
CA VAL B 268 13.52 -6.34 -14.18
C VAL B 268 13.71 -5.67 -12.82
N LYS B 269 13.90 -6.46 -11.78
CA LYS B 269 14.04 -5.94 -10.42
C LYS B 269 15.21 -4.97 -10.29
N ILE B 270 14.90 -3.78 -9.78
CA ILE B 270 15.91 -2.74 -9.62
C ILE B 270 16.65 -2.88 -8.28
N ASP B 271 17.97 -2.74 -8.29
CA ASP B 271 18.74 -2.88 -7.06
C ASP B 271 19.08 -1.53 -6.46
N GLY B 272 19.18 -0.50 -7.29
CA GLY B 272 19.51 0.83 -6.83
C GLY B 272 19.09 1.94 -7.78
N ILE B 273 19.12 3.17 -7.30
CA ILE B 273 18.58 4.30 -8.02
C ILE B 273 19.64 5.39 -8.18
N ILE B 274 19.72 5.99 -9.35
CA ILE B 274 20.46 7.24 -9.49
C ILE B 274 19.51 8.35 -9.94
N LEU B 275 19.46 9.44 -9.17
CA LEU B 275 18.64 10.58 -9.52
C LEU B 275 19.53 11.69 -10.06
N THR B 276 19.22 12.18 -11.26
CA THR B 276 20.00 13.25 -11.87
C THR B 276 19.31 14.61 -11.73
N LYS B 277 20.07 15.68 -11.94
CA LYS B 277 19.55 17.04 -11.80
C LYS B 277 18.94 17.25 -10.42
N LEU B 278 19.37 16.47 -9.43
CA LEU B 278 18.75 16.54 -8.11
C LEU B 278 18.86 17.93 -7.51
N ASP B 279 19.99 18.57 -7.77
CA ASP B 279 20.30 19.90 -7.22
C ASP B 279 19.28 20.97 -7.61
N ALA B 280 18.59 20.76 -8.73
CA ALA B 280 17.60 21.71 -9.21
C ALA B 280 16.20 21.41 -8.71
N ASP B 281 16.04 20.32 -7.99
CA ASP B 281 14.73 19.89 -7.51
C ASP B 281 14.26 20.73 -6.32
N ALA B 282 13.22 21.52 -6.55
CA ALA B 282 12.71 22.44 -5.54
C ALA B 282 11.38 21.97 -4.99
N ARG B 283 11.00 20.75 -5.35
CA ARG B 283 9.80 20.14 -4.77
C ARG B 283 10.14 18.96 -3.86
N GLY B 284 10.76 17.93 -4.42
CA GLY B 284 11.34 16.86 -3.61
C GLY B 284 10.46 15.69 -3.22
N GLY B 285 9.15 15.82 -3.40
CA GLY B 285 8.26 14.74 -3.01
C GLY B 285 8.57 13.41 -3.68
N ALA B 286 8.95 13.48 -4.94
CA ALA B 286 9.25 12.28 -5.72
C ALA B 286 10.56 11.65 -5.27
N ALA B 287 11.56 12.48 -5.08
CA ALA B 287 12.86 12.03 -4.58
C ALA B 287 12.72 11.38 -3.23
N LEU B 288 11.81 11.90 -2.42
CA LEU B 288 11.60 11.38 -1.07
C LEU B 288 10.91 10.03 -1.16
N SER B 289 10.17 9.82 -2.24
CA SER B 289 9.29 8.67 -2.36
C SER B 289 9.96 7.48 -3.00
N ILE B 290 10.85 7.74 -3.95
CA ILE B 290 11.21 6.72 -4.92
C ILE B 290 11.83 5.47 -4.29
N SER B 291 12.71 5.65 -3.31
N SER B 291 12.70 5.66 -3.31
CA SER B 291 13.37 4.51 -2.66
CA SER B 291 13.36 4.53 -2.66
C SER B 291 12.38 3.62 -1.91
C SER B 291 12.40 3.63 -1.91
N TYR B 292 11.51 4.23 -1.12
CA TYR B 292 10.51 3.47 -0.38
C TYR B 292 9.64 2.63 -1.32
N VAL B 293 9.19 3.25 -2.41
CA VAL B 293 8.26 2.60 -3.34
C VAL B 293 8.85 1.41 -4.08
N ILE B 294 10.12 1.52 -4.46
CA ILE B 294 10.74 0.48 -5.27
C ILE B 294 11.52 -0.46 -4.36
N ASP B 295 11.74 -0.04 -3.12
CA ASP B 295 12.51 -0.81 -2.15
C ASP B 295 13.95 -1.00 -2.62
N ALA B 296 14.59 0.10 -3.00
CA ALA B 296 15.96 0.05 -3.46
C ALA B 296 16.62 1.32 -2.97
N PRO B 297 17.91 1.24 -2.62
CA PRO B 297 18.65 2.41 -2.16
C PRO B 297 18.94 3.36 -3.31
N ILE B 298 18.95 4.65 -3.02
CA ILE B 298 19.55 5.61 -3.93
C ILE B 298 21.06 5.49 -3.75
N LEU B 299 21.79 5.24 -4.84
CA LEU B 299 23.24 5.05 -4.76
C LEU B 299 24.04 6.33 -5.03
N PHE B 300 23.67 7.06 -6.07
CA PHE B 300 24.35 8.31 -6.44
C PHE B 300 23.31 9.35 -6.78
N VAL B 301 23.64 10.61 -6.55
CA VAL B 301 22.81 11.71 -7.01
C VAL B 301 23.62 12.62 -7.92
N GLY B 302 22.97 13.20 -8.93
CA GLY B 302 23.62 14.14 -9.80
C GLY B 302 23.29 15.55 -9.36
N VAL B 303 24.29 16.32 -8.98
CA VAL B 303 24.06 17.67 -8.44
C VAL B 303 24.87 18.71 -9.21
N GLY B 304 25.09 18.45 -10.49
CA GLY B 304 25.86 19.35 -11.33
C GLY B 304 26.29 18.65 -12.60
N GLN B 305 27.05 19.35 -13.43
CA GLN B 305 27.43 18.83 -14.73
C GLN B 305 28.85 18.28 -14.79
N GLY B 306 29.62 18.52 -13.73
CA GLY B 306 30.98 18.00 -13.68
C GLY B 306 31.00 16.52 -13.34
N TYR B 307 32.09 15.84 -13.70
CA TYR B 307 32.24 14.42 -13.43
C TYR B 307 32.14 14.12 -11.94
N ASP B 308 32.65 15.04 -11.12
CA ASP B 308 32.64 14.85 -9.68
C ASP B 308 31.30 15.27 -9.08
N ASP B 309 30.34 15.56 -9.96
CA ASP B 309 29.02 15.97 -9.52
C ASP B 309 28.04 14.79 -9.45
N LEU B 310 28.53 13.61 -9.80
CA LEU B 310 27.82 12.39 -9.44
C LEU B 310 28.36 11.96 -8.09
N ARG B 311 27.60 12.24 -7.02
CA ARG B 311 28.07 12.02 -5.67
C ARG B 311 27.42 10.80 -5.08
N PRO B 312 28.20 10.00 -4.34
CA PRO B 312 27.57 8.95 -3.56
C PRO B 312 26.51 9.56 -2.64
N PHE B 313 25.41 8.84 -2.45
CA PHE B 313 24.25 9.37 -1.75
C PHE B 313 24.38 9.21 -0.25
N GLU B 314 24.09 10.29 0.46
CA GLU B 314 24.06 10.26 1.92
C GLU B 314 22.70 10.65 2.45
N LYS B 315 22.07 9.72 3.15
CA LYS B 315 20.77 9.94 3.79
C LYS B 315 20.79 11.24 4.57
N GLU B 316 21.86 11.44 5.34
CA GLU B 316 22.00 12.63 6.18
C GLU B 316 21.94 13.90 5.35
N TRP B 317 22.71 13.92 4.27
CA TRP B 317 22.75 15.08 3.40
C TRP B 317 21.33 15.43 2.93
N PHE B 318 20.56 14.40 2.57
CA PHE B 318 19.19 14.56 2.10
C PHE B 318 18.28 15.16 3.17
N LEU B 319 18.42 14.66 4.39
CA LEU B 319 17.61 15.12 5.51
C LEU B 319 17.91 16.58 5.85
N GLU B 320 19.18 16.95 5.76
CA GLU B 320 19.58 18.32 6.07
C GLU B 320 18.96 19.28 5.06
N ARG B 321 18.95 18.88 3.79
CA ARG B 321 18.31 19.68 2.76
C ARG B 321 16.81 19.83 3.01
N ILE B 322 16.21 18.82 3.63
CA ILE B 322 14.77 18.86 3.87
C ILE B 322 14.37 19.74 5.05
N PHE B 323 15.08 19.62 6.16
CA PHE B 323 14.67 20.27 7.40
C PHE B 323 15.39 21.59 7.69
N GLY B 324 16.71 21.54 7.77
CA GLY B 324 17.49 22.75 8.01
C GLY B 324 18.91 22.44 8.45
N MET C 7 -36.32 5.17 -31.74
CA MET C 7 -35.70 4.97 -30.43
C MET C 7 -35.69 3.50 -30.05
N PHE C 8 -34.49 2.93 -29.95
CA PHE C 8 -34.30 1.48 -29.81
C PHE C 8 -34.90 0.71 -30.98
N GLY C 9 -35.22 1.42 -32.06
CA GLY C 9 -35.84 0.82 -33.23
C GLY C 9 -35.11 -0.38 -33.78
N LYS C 10 -33.78 -0.32 -33.82
CA LYS C 10 -32.99 -1.42 -34.34
C LYS C 10 -33.20 -2.69 -33.51
N LEU C 11 -32.94 -2.60 -32.21
CA LEU C 11 -33.16 -3.71 -31.28
C LEU C 11 -34.58 -4.27 -31.43
N ARG C 12 -35.55 -3.36 -31.45
CA ARG C 12 -36.96 -3.73 -31.59
C ARG C 12 -37.25 -4.42 -32.92
N GLU C 13 -36.60 -3.97 -33.97
CA GLU C 13 -36.71 -4.61 -35.27
C GLU C 13 -36.26 -6.07 -35.20
N LYS C 14 -35.19 -6.30 -34.45
CA LYS C 14 -34.58 -7.63 -34.41
C LYS C 14 -35.36 -8.60 -33.50
N LEU C 15 -35.80 -8.12 -32.33
CA LEU C 15 -36.62 -8.95 -31.46
C LEU C 15 -37.92 -9.31 -32.18
N LYS C 16 -38.43 -8.38 -32.97
CA LYS C 16 -39.67 -8.57 -33.71
C LYS C 16 -39.56 -9.70 -34.73
N SER C 17 -38.46 -9.73 -35.48
CA SER C 17 -38.30 -10.74 -36.53
C SER C 17 -38.06 -12.16 -35.96
N PHE C 18 -37.49 -12.23 -34.76
CA PHE C 18 -37.27 -13.52 -34.08
C PHE C 18 -38.60 -14.15 -33.71
N VAL C 19 -39.48 -13.34 -33.13
CA VAL C 19 -40.85 -13.75 -32.83
C VAL C 19 -41.52 -14.32 -34.08
N LYS C 20 -41.47 -13.56 -35.17
CA LYS C 20 -42.05 -14.02 -36.43
C LYS C 20 -41.53 -15.39 -36.86
N ARG C 21 -40.23 -15.60 -36.71
CA ARG C 21 -39.64 -16.85 -37.18
C ARG C 21 -40.05 -18.04 -36.31
N VAL C 22 -40.18 -17.81 -35.00
CA VAL C 22 -40.66 -18.86 -34.12
C VAL C 22 -42.11 -19.22 -34.44
N GLU C 23 -42.96 -18.20 -34.60
CA GLU C 23 -44.33 -18.38 -35.10
C GLU C 23 -44.45 -19.29 -36.31
N GLU C 24 -43.66 -19.02 -37.35
CA GLU C 24 -43.70 -19.84 -38.56
C GLU C 24 -43.39 -21.31 -38.27
N GLU C 25 -42.46 -21.56 -37.36
CA GLU C 25 -42.11 -22.92 -36.99
C GLU C 25 -43.23 -23.58 -36.19
N VAL C 26 -43.81 -22.84 -35.26
CA VAL C 26 -44.93 -23.38 -34.48
C VAL C 26 -46.09 -23.73 -35.42
N GLU C 27 -46.34 -22.87 -36.40
CA GLU C 27 -47.34 -23.15 -37.43
C GLU C 27 -47.11 -24.50 -38.12
N LYS C 28 -45.86 -24.79 -38.48
CA LYS C 28 -45.56 -26.06 -39.12
C LYS C 28 -45.81 -27.21 -38.14
N GLU C 29 -45.59 -26.94 -36.86
CA GLU C 29 -45.88 -27.95 -35.86
C GLU C 29 -47.37 -28.30 -35.88
N GLU C 30 -48.22 -27.28 -36.01
CA GLU C 30 -49.66 -27.50 -36.04
C GLU C 30 -50.08 -28.21 -37.33
N GLU C 31 -49.56 -27.74 -38.46
CA GLU C 31 -49.84 -28.39 -39.74
C GLU C 31 -49.46 -29.85 -39.71
N GLU C 32 -48.41 -30.18 -38.98
CA GLU C 32 -47.98 -31.56 -38.83
C GLU C 32 -49.03 -32.38 -38.08
N VAL C 33 -49.66 -31.78 -37.09
CA VAL C 33 -50.70 -32.46 -36.34
C VAL C 33 -51.91 -32.65 -37.24
N GLU C 34 -52.18 -31.63 -38.05
CA GLU C 34 -53.21 -31.68 -39.07
C GLU C 34 -53.01 -32.90 -39.97
N LYS C 35 -51.81 -33.04 -40.50
CA LYS C 35 -51.49 -34.16 -41.40
C LYS C 35 -51.91 -35.52 -40.84
N LYS C 36 -51.52 -35.80 -39.60
CA LYS C 36 -51.81 -37.11 -39.00
C LYS C 36 -53.28 -37.25 -38.63
N GLY C 37 -54.10 -36.28 -39.00
CA GLY C 37 -55.51 -36.31 -38.66
C GLY C 37 -55.74 -36.52 -37.18
N LEU C 38 -55.01 -35.77 -36.36
CA LEU C 38 -55.17 -35.89 -34.92
C LEU C 38 -55.78 -34.64 -34.28
N LEU C 39 -56.16 -33.66 -35.10
CA LEU C 39 -56.80 -32.46 -34.60
C LEU C 39 -58.04 -32.74 -33.73
N ASP C 40 -58.68 -33.88 -33.96
CA ASP C 40 -59.88 -34.21 -33.19
C ASP C 40 -59.62 -34.55 -31.72
N ARG C 41 -58.39 -34.87 -31.35
CA ARG C 41 -58.09 -35.22 -29.95
C ARG C 41 -56.94 -34.46 -29.28
N ILE C 42 -56.10 -33.79 -30.06
CA ILE C 42 -55.01 -33.01 -29.46
C ILE C 42 -55.17 -31.50 -29.68
N LEU C 43 -55.20 -30.75 -28.57
CA LEU C 43 -55.53 -29.33 -28.61
C LEU C 43 -54.33 -28.40 -28.46
N THR C 44 -53.16 -28.95 -28.17
CA THR C 44 -51.97 -28.15 -27.93
C THR C 44 -50.74 -28.77 -28.57
N VAL C 45 -49.78 -27.93 -28.97
CA VAL C 45 -48.45 -28.43 -29.30
C VAL C 45 -47.43 -27.83 -28.33
N GLU C 46 -46.37 -28.58 -28.06
CA GLU C 46 -45.30 -28.04 -27.25
C GLU C 46 -44.09 -27.67 -28.10
N ILE C 47 -43.66 -26.42 -27.94
CA ILE C 47 -42.48 -25.91 -28.64
C ILE C 47 -41.26 -26.81 -28.41
N LYS C 48 -40.65 -27.28 -29.48
CA LYS C 48 -39.45 -28.10 -29.39
C LYS C 48 -38.23 -27.28 -29.77
N GLU C 49 -37.04 -27.75 -29.41
CA GLU C 49 -35.82 -27.00 -29.68
C GLU C 49 -35.63 -26.78 -31.18
N LYS C 50 -35.97 -27.80 -31.97
CA LYS C 50 -35.96 -27.69 -33.43
C LYS C 50 -36.82 -26.51 -33.94
N ASP C 51 -37.68 -25.96 -33.08
CA ASP C 51 -38.56 -24.85 -33.48
C ASP C 51 -37.90 -23.49 -33.25
N VAL C 52 -37.01 -23.42 -32.27
CA VAL C 52 -36.43 -22.14 -31.89
C VAL C 52 -34.97 -21.98 -32.33
N ASP C 53 -34.36 -23.09 -32.77
CA ASP C 53 -32.90 -23.17 -32.97
C ASP C 53 -32.36 -22.23 -34.03
N LYS C 54 -32.78 -22.41 -35.28
CA LYS C 54 -32.34 -21.56 -36.38
C LYS C 54 -32.67 -20.09 -36.10
N ALA C 55 -33.85 -19.86 -35.55
CA ALA C 55 -34.25 -18.50 -35.22
C ALA C 55 -33.34 -17.90 -34.15
N LEU C 56 -32.93 -18.71 -33.19
CA LEU C 56 -32.04 -18.24 -32.15
C LEU C 56 -30.65 -17.94 -32.70
N ASP C 57 -30.22 -18.71 -33.71
CA ASP C 57 -28.94 -18.44 -34.35
C ASP C 57 -29.01 -17.10 -35.08
N GLU C 58 -30.14 -16.87 -35.73
CA GLU C 58 -30.35 -15.62 -36.45
C GLU C 58 -30.40 -14.44 -35.48
N LEU C 59 -30.97 -14.66 -34.30
CA LEU C 59 -31.07 -13.59 -33.31
C LEU C 59 -29.67 -13.26 -32.77
N GLU C 60 -28.82 -14.27 -32.68
CA GLU C 60 -27.45 -14.04 -32.24
C GLU C 60 -26.78 -13.10 -33.22
N ILE C 61 -26.86 -13.42 -34.51
CA ILE C 61 -26.32 -12.56 -35.54
C ILE C 61 -26.89 -11.15 -35.42
N ASP C 62 -28.21 -11.03 -35.43
CA ASP C 62 -28.88 -9.73 -35.40
C ASP C 62 -28.50 -8.92 -34.18
N LEU C 63 -28.44 -9.56 -33.02
CA LEU C 63 -28.15 -8.85 -31.78
C LEU C 63 -26.69 -8.37 -31.68
N LEU C 64 -25.74 -9.21 -32.10
CA LEU C 64 -24.34 -8.79 -32.23
C LEU C 64 -24.19 -7.57 -33.15
N GLU C 65 -24.88 -7.57 -34.27
CA GLU C 65 -24.78 -6.44 -35.18
C GLU C 65 -25.44 -5.20 -34.60
N ALA C 66 -26.35 -5.40 -33.65
CA ALA C 66 -27.03 -4.27 -33.00
C ALA C 66 -26.30 -3.78 -31.74
N ASP C 67 -25.07 -4.24 -31.53
CA ASP C 67 -24.25 -3.78 -30.40
C ASP C 67 -24.61 -4.41 -29.06
N VAL C 68 -25.28 -5.54 -29.08
CA VAL C 68 -25.51 -6.26 -27.85
C VAL C 68 -24.27 -7.07 -27.47
N ALA C 69 -23.80 -6.90 -26.25
CA ALA C 69 -22.58 -7.57 -25.81
C ALA C 69 -22.74 -9.07 -25.92
N LEU C 70 -21.65 -9.74 -26.28
CA LEU C 70 -21.64 -11.20 -26.35
C LEU C 70 -22.22 -11.87 -25.10
N GLU C 71 -21.77 -11.44 -23.91
CA GLU C 71 -22.26 -12.01 -22.65
C GLU C 71 -23.77 -11.99 -22.60
N VAL C 72 -24.35 -10.87 -23.03
CA VAL C 72 -25.79 -10.68 -23.01
C VAL C 72 -26.50 -11.51 -24.08
N VAL C 73 -25.97 -11.51 -25.29
CA VAL C 73 -26.51 -12.33 -26.36
C VAL C 73 -26.62 -13.79 -25.91
N ASP C 74 -25.56 -14.32 -25.31
CA ASP C 74 -25.55 -15.70 -24.82
C ASP C 74 -26.54 -15.91 -23.69
N ALA C 75 -26.64 -14.95 -22.79
CA ALA C 75 -27.58 -15.08 -21.68
C ALA C 75 -29.02 -15.00 -22.17
N LEU C 76 -29.27 -14.13 -23.15
CA LEU C 76 -30.59 -14.01 -23.72
C LEU C 76 -31.02 -15.32 -24.42
N ARG C 77 -30.15 -15.86 -25.27
CA ARG C 77 -30.44 -17.11 -25.98
C ARG C 77 -30.93 -18.18 -25.06
N GLU C 78 -30.22 -18.35 -23.94
CA GLU C 78 -30.54 -19.40 -22.99
C GLU C 78 -31.79 -19.09 -22.18
N LYS C 79 -31.91 -17.86 -21.68
CA LYS C 79 -33.13 -17.43 -21.01
C LYS C 79 -34.39 -17.62 -21.89
N ILE C 80 -34.24 -17.45 -23.20
CA ILE C 80 -35.37 -17.58 -24.13
C ILE C 80 -35.55 -19.05 -24.52
N LYS C 81 -34.45 -19.69 -24.92
CA LYS C 81 -34.47 -21.06 -25.42
C LYS C 81 -35.09 -21.99 -24.41
N GLN C 82 -34.99 -21.58 -23.15
CA GLN C 82 -35.44 -22.42 -22.05
C GLN C 82 -36.83 -21.99 -21.60
N LYS C 83 -37.21 -20.77 -21.95
CA LYS C 83 -38.55 -20.28 -21.65
C LYS C 83 -39.57 -20.72 -22.71
N LEU C 84 -39.08 -21.15 -23.86
CA LEU C 84 -39.94 -21.52 -24.97
C LEU C 84 -40.01 -23.03 -25.13
N VAL C 85 -38.85 -23.68 -25.17
CA VAL C 85 -38.80 -25.13 -25.31
C VAL C 85 -39.59 -25.79 -24.18
N GLY C 86 -40.49 -26.70 -24.55
CA GLY C 86 -41.31 -27.42 -23.57
C GLY C 86 -42.61 -26.71 -23.24
N LYS C 87 -42.73 -25.47 -23.67
CA LYS C 87 -43.94 -24.71 -23.44
C LYS C 87 -45.09 -25.16 -24.36
N LYS C 88 -46.25 -25.38 -23.78
CA LYS C 88 -47.44 -25.75 -24.54
C LYS C 88 -48.17 -24.53 -25.05
N VAL C 89 -48.56 -24.55 -26.31
CA VAL C 89 -49.40 -23.48 -26.85
C VAL C 89 -50.67 -24.08 -27.43
N ARG C 90 -51.71 -23.25 -27.52
CA ARG C 90 -53.01 -23.68 -27.99
C ARG C 90 -53.07 -23.68 -29.51
N ILE C 91 -53.33 -24.85 -30.10
CA ILE C 91 -53.48 -24.93 -31.55
C ILE C 91 -54.53 -23.94 -32.04
N GLY C 92 -54.21 -23.20 -33.08
CA GLY C 92 -55.16 -22.27 -33.66
C GLY C 92 -55.15 -20.85 -33.12
N THR C 93 -54.48 -20.61 -31.98
CA THR C 93 -54.42 -19.26 -31.44
C THR C 93 -53.28 -18.47 -32.07
N ASP C 94 -53.15 -17.22 -31.64
CA ASP C 94 -52.06 -16.36 -32.07
C ASP C 94 -50.84 -16.53 -31.17
N LYS C 95 -49.80 -17.15 -31.71
CA LYS C 95 -48.57 -17.43 -30.95
C LYS C 95 -47.79 -16.17 -30.62
N GLY C 96 -48.02 -15.12 -31.39
CA GLY C 96 -47.30 -13.87 -31.26
C GLY C 96 -47.23 -13.30 -29.86
N LYS C 97 -48.35 -13.30 -29.15
CA LYS C 97 -48.39 -12.76 -27.79
C LYS C 97 -47.51 -13.60 -26.88
N ILE C 98 -47.73 -14.91 -26.95
CA ILE C 98 -47.04 -15.87 -26.10
C ILE C 98 -45.52 -15.77 -26.27
N ILE C 99 -45.05 -15.94 -27.51
CA ILE C 99 -43.62 -15.93 -27.78
C ILE C 99 -42.98 -14.61 -27.35
N GLU C 100 -43.59 -13.50 -27.75
CA GLU C 100 -43.13 -12.18 -27.37
C GLU C 100 -43.08 -12.00 -25.85
N GLU C 101 -43.96 -12.70 -25.15
CA GLU C 101 -44.01 -12.60 -23.70
C GLU C 101 -42.74 -13.17 -23.10
N ALA C 102 -42.32 -14.33 -23.59
CA ALA C 102 -41.10 -14.98 -23.13
C ALA C 102 -39.88 -14.09 -23.41
N VAL C 103 -39.83 -13.53 -24.62
CA VAL C 103 -38.75 -12.63 -24.97
C VAL C 103 -38.75 -11.43 -24.03
N LYS C 104 -39.91 -10.86 -23.82
CA LYS C 104 -40.04 -9.70 -22.94
C LYS C 104 -39.52 -10.05 -21.54
N GLU C 105 -39.78 -11.27 -21.09
CA GLU C 105 -39.32 -11.69 -19.77
C GLU C 105 -37.82 -11.82 -19.73
N ALA C 106 -37.26 -12.43 -20.76
CA ALA C 106 -35.83 -12.68 -20.84
C ALA C 106 -35.12 -11.35 -20.81
N VAL C 107 -35.63 -10.39 -21.56
CA VAL C 107 -35.03 -9.07 -21.59
C VAL C 107 -35.11 -8.43 -20.22
N SER C 108 -36.19 -8.70 -19.51
CA SER C 108 -36.40 -8.10 -18.19
C SER C 108 -35.41 -8.67 -17.17
N GLU C 109 -35.16 -9.97 -17.25
CA GLU C 109 -34.22 -10.61 -16.36
C GLU C 109 -32.79 -10.13 -16.64
N ILE C 110 -32.49 -9.91 -17.92
CA ILE C 110 -31.22 -9.38 -18.36
C ILE C 110 -30.93 -8.03 -17.72
N LEU C 111 -31.98 -7.31 -17.35
CA LEU C 111 -31.84 -5.98 -16.74
C LEU C 111 -31.75 -6.06 -15.23
N GLU C 112 -31.72 -7.28 -14.70
CA GLU C 112 -31.59 -7.48 -13.26
C GLU C 112 -30.13 -7.51 -12.84
N THR C 113 -29.80 -6.66 -11.89
CA THR C 113 -28.46 -6.64 -11.33
C THR C 113 -28.54 -7.17 -9.91
N SER C 114 -27.41 -7.58 -9.34
CA SER C 114 -27.42 -8.17 -8.01
C SER C 114 -27.68 -7.19 -6.86
N ARG C 115 -27.69 -5.90 -7.15
CA ARG C 115 -28.05 -4.89 -6.15
C ARG C 115 -28.98 -3.84 -6.76
N ARG C 116 -30.00 -3.42 -6.00
CA ARG C 116 -30.76 -2.25 -6.39
C ARG C 116 -30.23 -1.13 -5.50
N ILE C 117 -30.26 0.11 -5.99
CA ILE C 117 -29.71 1.21 -5.24
C ILE C 117 -30.70 2.34 -5.08
N ASP C 118 -31.15 2.54 -3.85
CA ASP C 118 -32.01 3.65 -3.50
C ASP C 118 -31.11 4.78 -3.03
N LEU C 119 -30.86 5.75 -3.90
CA LEU C 119 -29.84 6.77 -3.62
C LEU C 119 -30.10 7.54 -2.34
N ILE C 120 -31.32 8.08 -2.23
CA ILE C 120 -31.70 8.87 -1.06
C ILE C 120 -31.62 8.04 0.23
N GLU C 121 -32.07 6.79 0.16
CA GLU C 121 -32.02 5.92 1.34
C GLU C 121 -30.58 5.57 1.74
N GLU C 122 -29.76 5.26 0.75
CA GLU C 122 -28.36 4.94 1.03
C GLU C 122 -27.67 6.12 1.70
N ILE C 123 -28.03 7.33 1.26
CA ILE C 123 -27.41 8.53 1.80
C ILE C 123 -27.87 8.81 3.23
N ARG C 124 -29.18 8.77 3.47
CA ARG C 124 -29.71 9.08 4.80
C ARG C 124 -29.10 8.18 5.88
N LYS C 125 -29.07 6.88 5.64
CA LYS C 125 -28.53 5.95 6.63
C LYS C 125 -27.01 6.07 6.81
N ALA C 126 -26.32 6.56 5.78
CA ALA C 126 -24.86 6.59 5.84
C ALA C 126 -24.34 7.72 6.73
N GLU C 127 -23.17 7.51 7.33
CA GLU C 127 -22.47 8.54 8.07
C GLU C 127 -21.87 9.59 7.13
N LYS C 128 -22.29 10.84 7.28
CA LYS C 128 -21.85 11.92 6.42
C LYS C 128 -20.35 12.21 6.57
N PRO C 129 -19.70 12.61 5.46
CA PRO C 129 -20.32 12.81 4.15
C PRO C 129 -20.43 11.50 3.37
N TYR C 130 -21.47 11.42 2.55
CA TYR C 130 -21.62 10.32 1.63
C TYR C 130 -20.81 10.69 0.39
N VAL C 131 -19.82 9.87 0.04
CA VAL C 131 -18.90 10.21 -1.05
C VAL C 131 -19.21 9.46 -2.36
N ILE C 132 -19.42 10.20 -3.43
CA ILE C 132 -19.68 9.60 -4.75
C ILE C 132 -18.60 9.95 -5.78
N MET C 133 -18.00 8.91 -6.35
CA MET C 133 -16.96 9.06 -7.35
C MET C 133 -17.52 8.72 -8.73
N PHE C 134 -17.29 9.61 -9.68
CA PHE C 134 -17.72 9.39 -11.05
C PHE C 134 -16.54 8.96 -11.88
N VAL C 135 -16.75 7.95 -12.72
CA VAL C 135 -15.73 7.60 -13.70
C VAL C 135 -16.33 7.62 -15.09
N GLY C 136 -15.49 7.80 -16.10
CA GLY C 136 -15.94 7.81 -17.48
C GLY C 136 -14.99 8.63 -18.35
N PHE C 137 -15.03 8.39 -19.66
CA PHE C 137 -14.18 9.12 -20.58
C PHE C 137 -14.81 10.45 -20.94
N ASN C 138 -13.99 11.37 -21.43
CA ASN C 138 -14.47 12.71 -21.75
C ASN C 138 -15.47 12.66 -22.90
N GLY C 139 -16.37 13.63 -22.92
CA GLY C 139 -17.39 13.70 -23.96
C GLY C 139 -18.57 12.80 -23.68
N SER C 140 -18.59 12.27 -22.46
N SER C 140 -18.63 12.24 -22.47
CA SER C 140 -19.69 11.42 -22.00
CA SER C 140 -19.79 11.44 -22.12
C SER C 140 -20.71 12.27 -21.26
C SER C 140 -20.73 12.27 -21.26
N GLY C 141 -20.39 13.54 -21.06
CA GLY C 141 -21.26 14.46 -20.34
C GLY C 141 -21.17 14.30 -18.84
N LYS C 142 -20.05 13.73 -18.39
CA LYS C 142 -19.81 13.56 -16.96
C LYS C 142 -19.99 14.87 -16.21
N THR C 143 -19.38 15.94 -16.72
CA THR C 143 -19.35 17.21 -16.00
C THR C 143 -20.75 17.77 -15.75
N THR C 144 -21.53 17.85 -16.82
CA THR C 144 -22.91 18.31 -16.74
C THR C 144 -23.74 17.39 -15.86
N THR C 145 -23.56 16.08 -16.05
CA THR C 145 -24.27 15.12 -15.22
C THR C 145 -24.06 15.41 -13.74
N ILE C 146 -22.83 15.72 -13.37
CA ILE C 146 -22.55 15.97 -11.97
C ILE C 146 -23.27 17.21 -11.46
N ALA C 147 -23.35 18.25 -12.29
CA ALA C 147 -24.14 19.42 -11.96
C ALA C 147 -25.61 19.03 -11.76
N LYS C 148 -26.18 18.29 -12.71
CA LYS C 148 -27.57 17.90 -12.61
C LYS C 148 -27.85 17.06 -11.37
N LEU C 149 -26.99 16.08 -11.11
CA LEU C 149 -27.21 15.22 -9.95
C LEU C 149 -27.12 16.04 -8.66
N ALA C 150 -26.23 17.02 -8.62
CA ALA C 150 -26.13 17.90 -7.46
C ALA C 150 -27.48 18.56 -7.21
N ASN C 151 -28.02 19.19 -8.25
CA ASN C 151 -29.32 19.85 -8.18
C ASN C 151 -30.37 18.91 -7.60
N TRP C 152 -30.51 17.73 -8.21
CA TRP C 152 -31.46 16.72 -7.78
C TRP C 152 -31.31 16.42 -6.28
N LEU C 153 -30.08 16.23 -5.82
CA LEU C 153 -29.83 15.92 -4.42
C LEU C 153 -30.31 17.06 -3.52
N LYS C 154 -30.03 18.30 -3.93
CA LYS C 154 -30.49 19.46 -3.17
C LYS C 154 -32.01 19.51 -3.09
N ASN C 155 -32.67 19.36 -4.22
CA ASN C 155 -34.13 19.38 -4.28
C ASN C 155 -34.74 18.29 -3.42
N HIS C 156 -33.92 17.36 -2.96
CA HIS C 156 -34.37 16.34 -2.03
C HIS C 156 -33.79 16.59 -0.64
N GLY C 157 -33.26 17.79 -0.45
CA GLY C 157 -32.90 18.28 0.87
C GLY C 157 -31.52 17.91 1.38
N PHE C 158 -30.61 17.56 0.48
CA PHE C 158 -29.26 17.26 0.89
C PHE C 158 -28.34 18.42 0.56
N SER C 159 -27.39 18.68 1.45
CA SER C 159 -26.37 19.66 1.13
C SER C 159 -25.29 18.94 0.31
N VAL C 160 -24.66 19.67 -0.60
CA VAL C 160 -23.74 19.04 -1.55
C VAL C 160 -22.52 19.90 -1.77
N VAL C 161 -21.35 19.27 -1.83
CA VAL C 161 -20.14 19.93 -2.28
C VAL C 161 -19.53 19.10 -3.40
N ILE C 162 -18.93 19.78 -4.37
CA ILE C 162 -18.31 19.13 -5.53
C ILE C 162 -16.80 19.33 -5.55
N ALA C 163 -16.06 18.25 -5.81
CA ALA C 163 -14.60 18.32 -5.95
C ALA C 163 -14.23 18.40 -7.43
N ALA C 164 -13.47 19.44 -7.80
CA ALA C 164 -13.02 19.60 -9.17
C ALA C 164 -11.69 18.86 -9.37
N SER C 165 -11.77 17.54 -9.48
CA SER C 165 -10.59 16.69 -9.64
C SER C 165 -10.29 16.41 -11.10
N ASP C 166 -11.01 17.07 -12.01
CA ASP C 166 -10.66 17.04 -13.43
C ASP C 166 -9.69 18.20 -13.66
N THR C 167 -8.51 18.10 -13.03
CA THR C 167 -7.65 19.24 -12.78
C THR C 167 -6.92 19.80 -13.98
N PHE C 168 -6.89 19.06 -15.09
CA PHE C 168 -6.17 19.52 -16.26
C PHE C 168 -7.11 20.11 -17.32
N ARG C 169 -8.41 20.16 -17.04
CA ARG C 169 -9.36 20.76 -17.98
C ARG C 169 -9.98 22.04 -17.43
N ALA C 170 -9.29 23.16 -17.61
CA ALA C 170 -9.75 24.44 -17.08
C ALA C 170 -11.11 24.79 -17.65
N GLY C 171 -11.36 24.39 -18.89
CA GLY C 171 -12.63 24.67 -19.52
C GLY C 171 -13.76 24.01 -18.77
N ALA C 172 -13.63 22.70 -18.58
CA ALA C 172 -14.65 21.92 -17.90
C ALA C 172 -14.90 22.46 -16.50
N ILE C 173 -13.83 22.86 -15.82
CA ILE C 173 -13.94 23.36 -14.45
C ILE C 173 -14.71 24.67 -14.39
N GLU C 174 -14.46 25.56 -15.35
CA GLU C 174 -15.22 26.79 -15.45
C GLU C 174 -16.69 26.48 -15.63
N GLN C 175 -16.99 25.63 -16.60
CA GLN C 175 -18.36 25.22 -16.86
C GLN C 175 -19.02 24.73 -15.57
N LEU C 176 -18.25 23.97 -14.81
CA LEU C 176 -18.75 23.35 -13.59
C LEU C 176 -19.08 24.36 -12.51
N GLU C 177 -18.22 25.36 -12.36
CA GLU C 177 -18.41 26.37 -11.33
C GLU C 177 -19.65 27.22 -11.66
N GLU C 178 -19.82 27.54 -12.93
CA GLU C 178 -21.01 28.26 -13.41
C GLU C 178 -22.26 27.56 -12.91
N HIS C 179 -22.47 26.34 -13.38
CA HIS C 179 -23.68 25.58 -13.09
C HIS C 179 -23.82 25.39 -11.58
N ALA C 180 -22.69 25.29 -10.88
CA ALA C 180 -22.72 25.10 -9.44
C ALA C 180 -23.15 26.37 -8.71
N LYS C 181 -22.67 27.51 -9.17
CA LYS C 181 -23.05 28.77 -8.56
C LYS C 181 -24.54 28.99 -8.84
N ARG C 182 -24.97 28.57 -10.01
CA ARG C 182 -26.35 28.67 -10.46
C ARG C 182 -27.32 27.94 -9.53
N ILE C 183 -26.89 26.82 -8.97
CA ILE C 183 -27.76 26.05 -8.07
C ILE C 183 -27.28 26.07 -6.64
N GLY C 184 -26.39 27.00 -6.32
CA GLY C 184 -25.93 27.17 -4.95
C GLY C 184 -25.16 26.00 -4.37
N VAL C 185 -24.22 25.47 -5.13
CA VAL C 185 -23.33 24.40 -4.63
C VAL C 185 -21.88 24.86 -4.73
N LYS C 186 -21.09 24.52 -3.71
CA LYS C 186 -19.69 24.93 -3.70
C LYS C 186 -18.82 23.99 -4.52
N VAL C 187 -17.86 24.56 -5.24
CA VAL C 187 -16.85 23.77 -5.94
C VAL C 187 -15.47 23.93 -5.29
N ILE C 188 -14.91 22.83 -4.77
CA ILE C 188 -13.56 22.83 -4.22
C ILE C 188 -12.57 22.54 -5.35
N LYS C 189 -11.59 23.43 -5.54
CA LYS C 189 -10.59 23.24 -6.57
C LYS C 189 -9.22 23.73 -6.12
N HIS C 190 -8.19 23.16 -6.72
CA HIS C 190 -6.82 23.61 -6.50
C HIS C 190 -6.29 24.25 -7.79
N SER C 191 -5.00 24.51 -7.84
CA SER C 191 -4.39 25.10 -9.03
C SER C 191 -4.46 24.16 -10.23
N TYR C 192 -4.17 24.70 -11.41
CA TYR C 192 -4.16 23.90 -12.61
C TYR C 192 -3.20 22.73 -12.48
N GLY C 193 -3.63 21.54 -12.89
CA GLY C 193 -2.75 20.38 -12.88
C GLY C 193 -2.49 19.79 -11.50
N ALA C 194 -3.33 20.15 -10.54
CA ALA C 194 -3.21 19.62 -9.19
C ALA C 194 -3.41 18.11 -9.13
N ASP C 195 -2.98 17.50 -8.01
CA ASP C 195 -3.24 16.08 -7.76
C ASP C 195 -4.72 15.88 -7.50
N PRO C 196 -5.37 15.09 -8.35
CA PRO C 196 -6.83 14.87 -8.25
C PRO C 196 -7.26 14.31 -6.90
N ALA C 197 -6.48 13.39 -6.34
CA ALA C 197 -6.82 12.77 -5.07
C ALA C 197 -6.73 13.80 -3.94
N ALA C 198 -5.74 14.67 -4.03
CA ALA C 198 -5.56 15.71 -3.03
C ALA C 198 -6.78 16.65 -3.02
N VAL C 199 -7.24 17.04 -4.20
CA VAL C 199 -8.39 17.93 -4.30
C VAL C 199 -9.63 17.29 -3.72
N ALA C 200 -9.85 16.02 -4.06
CA ALA C 200 -11.04 15.31 -3.59
C ALA C 200 -10.97 15.08 -2.08
N TYR C 201 -9.78 14.72 -1.58
CA TYR C 201 -9.60 14.55 -0.14
C TYR C 201 -9.91 15.87 0.56
N ASP C 202 -9.43 16.95 -0.05
CA ASP C 202 -9.69 18.29 0.46
C ASP C 202 -11.20 18.55 0.55
N ALA C 203 -11.91 18.30 -0.54
CA ALA C 203 -13.37 18.45 -0.55
C ALA C 203 -14.00 17.69 0.60
N ILE C 204 -13.49 16.49 0.86
CA ILE C 204 -14.03 15.65 1.92
C ILE C 204 -13.83 16.25 3.32
N GLN C 205 -12.63 16.76 3.60
CA GLN C 205 -12.37 17.41 4.87
C GLN C 205 -13.31 18.61 5.08
N HIS C 206 -13.57 19.36 4.01
CA HIS C 206 -14.45 20.51 4.04
C HIS C 206 -15.87 20.09 4.42
N ALA C 207 -16.36 19.04 3.77
CA ALA C 207 -17.68 18.48 4.06
C ALA C 207 -17.84 18.02 5.52
N LYS C 208 -16.80 17.42 6.09
CA LYS C 208 -16.84 16.99 7.48
C LYS C 208 -16.94 18.22 8.36
N ALA C 209 -16.02 19.16 8.15
CA ALA C 209 -15.99 20.40 8.90
C ALA C 209 -17.32 21.18 8.88
N ARG C 210 -17.98 21.23 7.73
CA ARG C 210 -19.17 22.07 7.61
C ARG C 210 -20.46 21.25 7.64
N GLY C 211 -20.35 19.96 7.93
CA GLY C 211 -21.49 19.07 7.98
C GLY C 211 -22.28 18.92 6.68
N ILE C 212 -21.57 18.81 5.56
CA ILE C 212 -22.19 18.60 4.24
C ILE C 212 -22.60 17.13 4.06
N ASP C 213 -23.77 16.90 3.48
CA ASP C 213 -24.28 15.55 3.26
C ASP C 213 -23.51 14.75 2.21
N VAL C 214 -23.27 15.37 1.06
CA VAL C 214 -22.81 14.65 -0.12
C VAL C 214 -21.59 15.30 -0.76
N VAL C 215 -20.61 14.47 -1.14
CA VAL C 215 -19.47 14.92 -1.93
C VAL C 215 -19.50 14.24 -3.30
N LEU C 216 -19.44 15.04 -4.36
CA LEU C 216 -19.40 14.54 -5.72
C LEU C 216 -18.02 14.82 -6.29
N ILE C 217 -17.34 13.77 -6.74
CA ILE C 217 -15.99 13.92 -7.28
C ILE C 217 -16.00 13.91 -8.80
N ASP C 218 -15.77 15.08 -9.39
CA ASP C 218 -15.57 15.20 -10.83
C ASP C 218 -14.16 14.72 -11.18
N THR C 219 -14.05 13.69 -12.01
CA THR C 219 -12.77 13.10 -12.38
C THR C 219 -12.36 13.32 -13.84
N ALA C 220 -11.07 13.14 -14.11
CA ALA C 220 -10.53 13.21 -15.45
C ALA C 220 -11.10 12.10 -16.34
N GLY C 221 -11.10 12.34 -17.65
CA GLY C 221 -11.68 11.42 -18.60
C GLY C 221 -10.71 11.09 -19.72
N ARG C 222 -9.43 11.36 -19.48
CA ARG C 222 -8.36 11.00 -20.41
C ARG C 222 -7.05 10.90 -19.64
N SER C 223 -6.13 10.07 -20.13
CA SER C 223 -4.79 9.99 -19.56
C SER C 223 -4.05 11.31 -19.81
N GLU C 224 -3.40 11.85 -18.77
CA GLU C 224 -2.49 12.96 -18.99
C GLU C 224 -1.13 12.38 -19.36
N THR C 225 -0.12 13.24 -19.48
CA THR C 225 1.16 12.78 -20.04
C THR C 225 1.91 11.80 -19.10
N ASN C 226 1.40 11.63 -17.89
CA ASN C 226 2.15 11.00 -16.81
C ASN C 226 2.24 9.46 -16.66
N ARG C 227 1.18 8.69 -16.93
CA ARG C 227 -0.06 9.15 -17.59
C ARG C 227 -1.38 8.60 -16.99
N ASN C 228 -1.39 7.29 -16.68
CA ASN C 228 -2.57 6.45 -16.85
C ASN C 228 -3.88 6.69 -16.08
N LEU C 229 -4.93 7.01 -16.84
CA LEU C 229 -6.26 7.26 -16.32
C LEU C 229 -6.70 6.25 -15.26
N MET C 230 -6.67 4.96 -15.59
CA MET C 230 -7.09 3.93 -14.64
C MET C 230 -6.31 3.95 -13.33
N ASP C 231 -5.01 4.24 -13.40
CA ASP C 231 -4.19 4.26 -12.21
C ASP C 231 -4.59 5.46 -11.38
N GLU C 232 -4.88 6.57 -12.06
CA GLU C 232 -5.33 7.76 -11.39
C GLU C 232 -6.65 7.50 -10.67
N MET C 233 -7.54 6.73 -11.29
CA MET C 233 -8.84 6.47 -10.67
C MET C 233 -8.63 5.58 -9.45
N LYS C 234 -7.72 4.62 -9.56
CA LYS C 234 -7.41 3.74 -8.45
C LYS C 234 -6.92 4.56 -7.26
N LYS C 235 -6.03 5.49 -7.53
CA LYS C 235 -5.43 6.32 -6.48
C LYS C 235 -6.52 7.16 -5.80
N ILE C 236 -7.43 7.71 -6.58
CA ILE C 236 -8.53 8.52 -6.04
C ILE C 236 -9.46 7.70 -5.14
N ALA C 237 -9.80 6.49 -5.58
CA ALA C 237 -10.68 5.62 -4.81
C ALA C 237 -10.00 5.20 -3.51
N ARG C 238 -8.71 4.90 -3.60
CA ARG C 238 -7.94 4.52 -2.44
C ARG C 238 -7.96 5.62 -1.40
N VAL C 239 -7.74 6.86 -1.84
CA VAL C 239 -7.68 8.01 -0.95
C VAL C 239 -9.05 8.42 -0.40
N THR C 240 -10.07 8.37 -1.24
CA THR C 240 -11.38 8.89 -0.85
C THR C 240 -12.35 7.82 -0.33
N LYS C 241 -12.05 6.56 -0.60
CA LYS C 241 -12.89 5.45 -0.12
C LYS C 241 -14.38 5.72 -0.36
N PRO C 242 -14.76 5.88 -1.64
CA PRO C 242 -16.11 6.24 -2.09
C PRO C 242 -17.18 5.32 -1.54
N ASN C 243 -18.31 5.88 -1.11
CA ASN C 243 -19.45 5.07 -0.78
C ASN C 243 -20.00 4.44 -2.04
N LEU C 244 -19.89 5.18 -3.13
CA LEU C 244 -20.57 4.81 -4.37
C LEU C 244 -19.73 5.26 -5.56
N VAL C 245 -19.58 4.37 -6.54
CA VAL C 245 -18.86 4.68 -7.76
C VAL C 245 -19.82 4.58 -8.95
N ILE C 246 -19.96 5.68 -9.69
CA ILE C 246 -20.91 5.75 -10.79
C ILE C 246 -20.21 5.93 -12.12
N PHE C 247 -20.48 5.04 -13.06
CA PHE C 247 -19.93 5.19 -14.41
C PHE C 247 -20.85 6.04 -15.26
N VAL C 248 -20.29 7.09 -15.87
CA VAL C 248 -21.05 7.92 -16.81
C VAL C 248 -20.68 7.59 -18.26
N GLY C 249 -21.68 7.40 -19.12
CA GLY C 249 -21.45 7.09 -20.52
C GLY C 249 -22.49 7.68 -21.45
N ASP C 250 -22.05 8.06 -22.65
CA ASP C 250 -22.91 8.56 -23.71
C ASP C 250 -23.52 7.37 -24.46
N ALA C 251 -24.84 7.26 -24.41
CA ALA C 251 -25.54 6.11 -24.96
C ALA C 251 -25.46 6.03 -26.48
N LEU C 252 -25.21 7.16 -27.13
CA LEU C 252 -25.07 7.21 -28.58
C LEU C 252 -23.83 6.47 -29.06
N ALA C 253 -22.88 6.25 -28.16
CA ALA C 253 -21.65 5.53 -28.48
C ALA C 253 -21.82 4.03 -28.28
N GLY C 254 -22.67 3.41 -29.10
CA GLY C 254 -23.00 2.01 -28.94
C GLY C 254 -21.83 1.10 -29.21
N ASN C 255 -20.85 1.61 -29.95
CA ASN C 255 -19.69 0.79 -30.31
C ASN C 255 -18.57 0.81 -29.26
N ALA C 256 -18.83 1.45 -28.12
CA ALA C 256 -17.76 1.75 -27.17
C ALA C 256 -18.17 1.65 -25.69
N ILE C 257 -19.36 2.15 -25.37
CA ILE C 257 -19.77 2.37 -23.98
C ILE C 257 -19.64 1.15 -23.05
N VAL C 258 -19.96 -0.04 -23.54
CA VAL C 258 -19.80 -1.25 -22.75
C VAL C 258 -18.31 -1.53 -22.48
N GLU C 259 -17.48 -1.40 -23.49
CA GLU C 259 -16.05 -1.63 -23.34
C GLU C 259 -15.42 -0.57 -22.43
N GLN C 260 -15.92 0.66 -22.49
CA GLN C 260 -15.48 1.69 -21.54
C GLN C 260 -15.75 1.25 -20.10
N ALA C 261 -16.97 0.78 -19.85
CA ALA C 261 -17.36 0.37 -18.51
C ALA C 261 -16.53 -0.80 -18.04
N ARG C 262 -16.29 -1.76 -18.93
CA ARG C 262 -15.44 -2.90 -18.58
C ARG C 262 -14.07 -2.44 -18.08
N GLN C 263 -13.49 -1.46 -18.76
CA GLN C 263 -12.15 -0.99 -18.42
C GLN C 263 -12.11 -0.32 -17.06
N PHE C 264 -13.03 0.61 -16.83
CA PHE C 264 -13.14 1.26 -15.54
C PHE C 264 -13.46 0.24 -14.46
N ASN C 265 -14.39 -0.66 -14.76
CA ASN C 265 -14.80 -1.64 -13.77
C ASN C 265 -13.62 -2.47 -13.25
N GLU C 266 -12.64 -2.70 -14.11
CA GLU C 266 -11.51 -3.53 -13.75
C GLU C 266 -10.59 -2.80 -12.77
N ALA C 267 -10.59 -1.48 -12.86
CA ALA C 267 -9.74 -0.65 -12.04
C ALA C 267 -10.42 -0.30 -10.72
N VAL C 268 -11.66 0.16 -10.82
CA VAL C 268 -12.45 0.49 -9.65
C VAL C 268 -13.87 0.01 -9.88
N LYS C 269 -14.36 -0.84 -8.98
CA LYS C 269 -15.64 -1.48 -9.15
C LYS C 269 -16.81 -0.49 -9.14
N ILE C 270 -17.57 -0.51 -10.22
CA ILE C 270 -18.66 0.42 -10.44
C ILE C 270 -19.93 -0.05 -9.72
N ASP C 271 -20.60 0.86 -9.03
CA ASP C 271 -21.82 0.50 -8.29
C ASP C 271 -23.07 0.84 -9.09
N GLY C 272 -22.99 1.89 -9.90
CA GLY C 272 -24.15 2.32 -10.64
C GLY C 272 -23.75 2.99 -11.94
N ILE C 273 -24.72 3.15 -12.84
CA ILE C 273 -24.48 3.69 -14.16
C ILE C 273 -25.44 4.84 -14.45
N ILE C 274 -24.93 5.89 -15.10
CA ILE C 274 -25.80 6.90 -15.66
C ILE C 274 -25.52 7.02 -17.16
N LEU C 275 -26.54 6.85 -17.98
CA LEU C 275 -26.38 7.01 -19.43
C LEU C 275 -26.92 8.35 -19.87
N THR C 276 -26.13 9.11 -20.62
CA THR C 276 -26.59 10.39 -21.16
C THR C 276 -27.06 10.27 -22.62
N LYS C 277 -27.82 11.27 -23.09
CA LYS C 277 -28.33 11.30 -24.46
C LYS C 277 -29.08 10.03 -24.84
N LEU C 278 -29.78 9.42 -23.88
CA LEU C 278 -30.48 8.16 -24.12
C LEU C 278 -31.74 8.33 -24.97
N ASP C 279 -32.36 9.51 -24.86
CA ASP C 279 -33.56 9.82 -25.63
C ASP C 279 -33.29 9.74 -27.13
N ALA C 280 -32.03 9.99 -27.51
CA ALA C 280 -31.64 10.01 -28.91
C ALA C 280 -31.12 8.66 -29.39
N ASP C 281 -31.19 7.63 -28.54
CA ASP C 281 -30.68 6.32 -28.92
C ASP C 281 -31.68 5.48 -29.68
N ALA C 282 -31.47 5.36 -31.00
CA ALA C 282 -32.37 4.62 -31.88
C ALA C 282 -31.78 3.26 -32.24
N ARG C 283 -30.91 2.76 -31.38
CA ARG C 283 -30.33 1.43 -31.55
C ARG C 283 -30.58 0.60 -30.31
N GLY C 284 -29.81 0.85 -29.26
CA GLY C 284 -30.17 0.40 -27.93
C GLY C 284 -29.56 -0.90 -27.44
N GLY C 285 -28.79 -1.56 -28.31
CA GLY C 285 -28.11 -2.78 -27.92
C GLY C 285 -27.13 -2.57 -26.78
N ALA C 286 -26.38 -1.48 -26.83
CA ALA C 286 -25.40 -1.15 -25.80
C ALA C 286 -26.09 -0.79 -24.49
N ALA C 287 -27.07 0.11 -24.57
CA ALA C 287 -27.85 0.53 -23.40
C ALA C 287 -28.53 -0.67 -22.75
N LEU C 288 -29.04 -1.57 -23.58
CA LEU C 288 -29.64 -2.80 -23.07
C LEU C 288 -28.59 -3.69 -22.39
N SER C 289 -27.33 -3.59 -22.82
CA SER C 289 -26.30 -4.54 -22.39
C SER C 289 -25.57 -4.13 -21.10
N ILE C 290 -25.43 -2.83 -20.90
CA ILE C 290 -24.45 -2.34 -19.94
C ILE C 290 -24.67 -2.82 -18.49
N SER C 291 -25.90 -2.85 -18.01
CA SER C 291 -26.17 -3.25 -16.64
C SER C 291 -25.75 -4.68 -16.35
N TYR C 292 -26.03 -5.57 -17.28
CA TYR C 292 -25.68 -6.98 -17.11
C TYR C 292 -24.17 -7.19 -17.08
N VAL C 293 -23.48 -6.63 -18.07
CA VAL C 293 -22.04 -6.83 -18.24
C VAL C 293 -21.25 -6.40 -16.99
N ILE C 294 -21.67 -5.30 -16.40
CA ILE C 294 -21.00 -4.70 -15.24
C ILE C 294 -21.67 -5.15 -13.94
N ASP C 295 -22.84 -5.79 -14.05
CA ASP C 295 -23.67 -6.14 -12.89
C ASP C 295 -23.88 -4.93 -11.98
N ALA C 296 -24.33 -3.84 -12.57
CA ALA C 296 -24.62 -2.61 -11.85
C ALA C 296 -25.86 -2.00 -12.46
N PRO C 297 -26.74 -1.46 -11.60
CA PRO C 297 -27.99 -0.79 -12.01
C PRO C 297 -27.72 0.52 -12.70
N ILE C 298 -28.48 0.80 -13.75
CA ILE C 298 -28.58 2.15 -14.27
C ILE C 298 -29.37 2.95 -13.26
N LEU C 299 -28.81 4.07 -12.79
CA LEU C 299 -29.44 4.88 -11.75
C LEU C 299 -30.26 6.04 -12.30
N PHE C 300 -29.71 6.76 -13.28
CA PHE C 300 -30.42 7.87 -13.89
C PHE C 300 -30.19 7.78 -15.38
N VAL C 301 -30.99 8.51 -16.15
CA VAL C 301 -30.77 8.61 -17.58
C VAL C 301 -30.96 10.06 -18.00
N GLY C 302 -30.20 10.47 -19.01
CA GLY C 302 -30.30 11.80 -19.55
C GLY C 302 -31.19 11.77 -20.77
N VAL C 303 -32.32 12.46 -20.69
CA VAL C 303 -33.28 12.47 -21.78
C VAL C 303 -33.56 13.90 -22.22
N GLY C 304 -32.55 14.76 -22.09
CA GLY C 304 -32.69 16.15 -22.48
C GLY C 304 -31.61 17.06 -21.91
N GLN C 305 -31.71 18.35 -22.20
CA GLN C 305 -30.69 19.30 -21.80
C GLN C 305 -31.08 20.08 -20.54
N GLY C 306 -32.31 19.89 -20.08
CA GLY C 306 -32.76 20.54 -18.87
C GLY C 306 -32.25 19.86 -17.61
N TYR C 307 -32.10 20.65 -16.55
CA TYR C 307 -31.68 20.11 -15.25
C TYR C 307 -32.55 18.95 -14.82
N ASP C 308 -33.83 19.02 -15.18
CA ASP C 308 -34.80 18.01 -14.76
C ASP C 308 -34.95 16.93 -15.83
N ASP C 309 -34.03 16.94 -16.78
CA ASP C 309 -33.96 15.90 -17.81
C ASP C 309 -33.00 14.78 -17.40
N LEU C 310 -32.36 14.92 -16.25
CA LEU C 310 -31.65 13.80 -15.63
C LEU C 310 -32.66 13.09 -14.74
N ARG C 311 -33.14 11.94 -15.18
CA ARG C 311 -34.28 11.33 -14.52
C ARG C 311 -33.96 9.96 -13.96
N PRO C 312 -34.45 9.68 -12.75
CA PRO C 312 -34.34 8.36 -12.11
C PRO C 312 -34.71 7.27 -13.10
N PHE C 313 -33.94 6.20 -13.13
CA PHE C 313 -34.18 5.13 -14.10
C PHE C 313 -35.29 4.21 -13.62
N GLU C 314 -36.19 3.89 -14.54
CA GLU C 314 -37.23 2.93 -14.26
C GLU C 314 -37.19 1.82 -15.29
N LYS C 315 -36.93 0.62 -14.81
CA LYS C 315 -36.86 -0.56 -15.64
C LYS C 315 -38.08 -0.66 -16.55
N GLU C 316 -39.25 -0.38 -15.98
CA GLU C 316 -40.51 -0.55 -16.70
C GLU C 316 -40.61 0.40 -17.91
N TRP C 317 -40.31 1.68 -17.69
CA TRP C 317 -40.25 2.65 -18.78
C TRP C 317 -39.30 2.16 -19.88
N PHE C 318 -38.18 1.57 -19.47
CA PHE C 318 -37.17 1.07 -20.40
C PHE C 318 -37.73 -0.07 -21.26
N LEU C 319 -38.36 -1.05 -20.61
CA LEU C 319 -38.97 -2.16 -21.34
C LEU C 319 -40.05 -1.70 -22.34
N GLU C 320 -40.91 -0.79 -21.91
CA GLU C 320 -41.92 -0.20 -22.79
C GLU C 320 -41.28 0.42 -24.01
N ARG C 321 -40.28 1.26 -23.79
CA ARG C 321 -39.58 1.91 -24.91
C ARG C 321 -39.10 0.89 -25.93
N ILE C 322 -38.57 -0.22 -25.44
CA ILE C 322 -38.08 -1.29 -26.32
C ILE C 322 -39.21 -1.93 -27.10
N PHE C 323 -40.16 -2.53 -26.39
CA PHE C 323 -41.23 -3.30 -27.00
C PHE C 323 -42.38 -2.46 -27.55
N GLY C 324 -42.27 -1.14 -27.44
CA GLY C 324 -43.31 -0.24 -27.92
C GLY C 324 -44.68 -0.55 -27.35
S SO4 D . 16.41 -11.70 39.70
O1 SO4 D . 16.01 -10.69 38.72
O2 SO4 D . 17.85 -11.57 39.92
O3 SO4 D . 15.63 -11.46 40.90
O4 SO4 D . 16.16 -13.06 39.22
S SO4 E . -2.56 -2.11 28.20
O1 SO4 E . -2.80 -0.68 27.94
O2 SO4 E . -1.17 -2.43 27.96
O3 SO4 E . -2.87 -2.46 29.57
O4 SO4 E . -3.43 -2.84 27.30
S SO4 F . 16.92 -10.92 50.23
O1 SO4 F . 16.43 -11.10 48.86
O2 SO4 F . 16.53 -9.61 50.73
O3 SO4 F . 16.35 -11.95 51.11
O4 SO4 F . 18.38 -11.03 50.23
C1 GOL G . 10.89 -10.13 45.64
O1 GOL G . 10.77 -8.76 45.94
C2 GOL G . 12.07 -10.66 46.45
O2 GOL G . 12.69 -9.55 47.05
C3 GOL G . 13.09 -11.38 45.57
O3 GOL G . 14.27 -11.61 46.30
S SO4 H . 19.35 10.32 -21.92
O1 SO4 H . 19.45 11.67 -21.39
O2 SO4 H . 18.68 9.40 -21.00
O3 SO4 H . 18.54 10.37 -23.14
O4 SO4 H . 20.70 9.82 -22.18
S SO4 I . 1.10 7.41 -6.45
O1 SO4 I . 0.61 7.56 -7.81
O2 SO4 I . 2.55 7.16 -6.49
O3 SO4 I . 0.85 8.66 -5.72
O4 SO4 I . 0.40 6.30 -5.81
S SO4 J . 17.18 17.75 33.35
O1 SO4 J . 17.74 18.98 32.78
O2 SO4 J . 17.18 17.84 34.80
O3 SO4 J . 15.81 17.58 32.87
O4 SO4 J . 17.99 16.61 32.94
S SO4 K . 12.96 10.19 -27.33
O1 SO4 K . 13.11 8.98 -26.53
O2 SO4 K . 12.19 9.84 -28.52
O3 SO4 K . 12.25 11.17 -26.51
O4 SO4 K . 14.28 10.70 -27.73
C1 GOL L . 18.09 8.96 -32.14
O1 GOL L . 16.92 8.86 -32.91
C2 GOL L . 18.27 10.41 -31.74
O2 GOL L . 18.32 11.18 -32.91
C3 GOL L . 19.57 10.54 -30.94
O3 GOL L . 20.61 9.89 -31.62
S SO4 M . -17.58 15.53 -20.40
O1 SO4 M . -16.24 15.76 -20.88
O2 SO4 M . -17.68 14.15 -19.93
O3 SO4 M . -17.88 16.45 -19.30
O4 SO4 M . -18.53 15.77 -21.48
S SO4 N . -60.89 -41.27 -34.21
O1 SO4 N . -59.86 -40.26 -34.03
O2 SO4 N . -60.95 -42.21 -33.09
O3 SO4 N . -62.21 -40.62 -34.30
O4 SO4 N . -60.59 -42.03 -35.42
S SO4 O . -10.23 14.84 -24.88
O1 SO4 O . -10.27 15.03 -23.44
O2 SO4 O . -11.46 15.39 -25.46
O3 SO4 O . -9.07 15.57 -25.42
O4 SO4 O . -10.10 13.42 -25.21
C1 GOL P . -8.04 21.40 -22.46
O1 GOL P . -7.07 20.53 -21.95
C2 GOL P . -9.39 21.00 -21.86
O2 GOL P . -10.08 20.21 -22.80
C3 GOL P . -10.18 22.26 -21.50
O3 GOL P . -11.50 21.95 -21.11
C1 GOL Q . -38.43 14.17 -8.21
O1 GOL Q . -37.44 15.18 -8.25
C2 GOL Q . -37.76 12.81 -8.34
O2 GOL Q . -38.01 12.27 -9.62
C3 GOL Q . -38.30 11.87 -7.27
O3 GOL Q . -37.66 10.62 -7.40
C1 GOL R . -19.71 -5.52 -26.56
O1 GOL R . -19.41 -4.26 -27.12
C2 GOL R . -18.45 -6.32 -26.76
O2 GOL R . -18.25 -6.34 -28.15
C3 GOL R . -18.67 -7.73 -26.24
O3 GOL R . -19.20 -8.47 -27.31
C1 GOL S . -0.97 22.88 -5.79
O1 GOL S . -1.53 22.42 -7.02
C2 GOL S . -2.09 23.42 -4.90
O2 GOL S . -3.31 23.13 -5.55
C3 GOL S . -2.04 24.94 -4.81
O3 GOL S . -3.35 25.39 -4.56
#